data_8W1J
#
_entry.id   8W1J
#
_cell.length_a   157.926
_cell.length_b   171.018
_cell.length_c   122.313
_cell.angle_alpha   90.00
_cell.angle_beta   90.00
_cell.angle_gamma   90.00
#
_symmetry.space_group_name_H-M   'C 2 2 21'
#
loop_
_entity.id
_entity.type
_entity.pdbx_description
1 polymer 'Fatty acid decarboxylase'
2 non-polymer 'CHLORIDE ION'
3 non-polymer 'PROTOPORPHYRIN IX CONTAINING FE'
4 non-polymer 'PALMITIC ACID'
5 non-polymer DI(HYDROXYETHYL)ETHER
6 non-polymer GLYCEROL
7 non-polymer 'TRIETHYLENE GLYCOL'
8 water water
#
_entity_poly.entity_id   1
_entity_poly.type   'polypeptide(L)'
_entity_poly.pdbx_seq_one_letter_code
;MGSSHHHHHHSSGLVPRGSHMMRMTSNQNPRVSGDRTIQFLTDGYLLPSNLRKTAGLEPESMCPVTTKLLGQDATIVRGS
AGIDLFYDEDVMQREGAMPPVIGDALVGKGAVHNLDGEEHKVRKAQMAAMAYEDERVAEFAPLVAEEVERAVAGWEGAQG
NVFEDLSLAFGRAAFRWAGIDLPAENTDELVGRMITLLDNFGTATGTPKAFWQRRQLDNWAEALITDVREGRITARPDCV
LEHMAQLTDASGERVDARTAGIELQNLTRPTVAVGFFASFAAVALAENPQWRTRINESETGREAFAFAQEVRRFYPFVPM
FPAKATKDTEFEGCPIHQGQRVILDFVGTLHSAEEWDNPASFDPERFMAYETQSEAETIKPFIPQGGADVRTGHRCPGEK
IAVTALSAAVEALARPEVRISAEAIDINYSMTEILARPKSGVRVTVASSS
;
_entity_poly.pdbx_strand_id   A,B,C
#
# COMPACT_ATOMS: atom_id res chain seq x y z
N PRO A 30 13.91 -27.60 45.20
CA PRO A 30 13.55 -28.96 44.77
C PRO A 30 14.18 -29.31 43.43
N ARG A 31 15.11 -30.25 43.45
CA ARG A 31 15.77 -30.72 42.23
C ARG A 31 15.48 -32.19 42.02
N VAL A 32 15.50 -32.59 40.76
CA VAL A 32 15.56 -33.99 40.37
C VAL A 32 16.89 -34.19 39.66
N SER A 33 17.64 -35.21 40.07
CA SER A 33 19.00 -35.35 39.59
C SER A 33 19.05 -36.04 38.23
N GLY A 34 20.17 -35.85 37.53
CA GLY A 34 20.38 -36.49 36.25
C GLY A 34 19.71 -35.76 35.11
N ASP A 35 20.07 -36.15 33.90
CA ASP A 35 19.46 -35.56 32.71
C ASP A 35 18.18 -36.34 32.39
N ARG A 36 17.05 -35.65 32.38
CA ARG A 36 15.77 -36.30 32.18
C ARG A 36 15.21 -36.10 30.77
N THR A 37 16.06 -35.74 29.80
CA THR A 37 15.60 -35.56 28.43
C THR A 37 14.77 -36.74 27.93
N ILE A 38 15.26 -37.97 28.17
CA ILE A 38 14.52 -39.14 27.69
C ILE A 38 13.19 -39.27 28.41
N GLN A 39 13.15 -38.95 29.70
CA GLN A 39 11.91 -39.08 30.46
C GLN A 39 10.83 -38.12 29.95
N PHE A 40 11.22 -36.97 29.38
CA PHE A 40 10.23 -36.11 28.74
C PHE A 40 9.51 -36.86 27.63
N LEU A 41 10.25 -37.68 26.86
CA LEU A 41 9.60 -38.43 25.79
C LEU A 41 8.75 -39.56 26.33
N THR A 42 9.24 -40.30 27.33
CA THR A 42 8.49 -41.46 27.78
C THR A 42 7.27 -41.10 28.64
N ASP A 43 7.24 -39.92 29.26
CA ASP A 43 6.13 -39.55 30.16
C ASP A 43 5.07 -38.66 29.53
N GLY A 44 5.40 -37.96 28.44
CA GLY A 44 4.46 -37.06 27.81
C GLY A 44 3.83 -36.07 28.78
N TYR A 45 2.50 -36.10 28.89
CA TYR A 45 1.76 -35.17 29.72
C TYR A 45 1.96 -35.44 31.21
N LEU A 46 2.43 -36.65 31.57
CA LEU A 46 2.72 -37.02 32.96
C LEU A 46 4.05 -36.50 33.48
N LEU A 47 4.90 -35.92 32.61
CA LEU A 47 6.23 -35.54 33.05
C LEU A 47 6.23 -34.55 34.20
N PRO A 48 5.52 -33.42 34.17
CA PRO A 48 5.62 -32.47 35.29
C PRO A 48 5.13 -33.05 36.60
N SER A 49 4.00 -33.77 36.61
CA SER A 49 3.56 -34.33 37.90
C SER A 49 4.49 -35.46 38.35
N ASN A 50 5.11 -36.19 37.43
CA ASN A 50 6.09 -37.19 37.86
C ASN A 50 7.30 -36.53 38.51
N LEU A 51 7.79 -35.42 37.95
CA LEU A 51 9.00 -34.80 38.52
C LEU A 51 8.71 -34.15 39.86
N ARG A 52 7.56 -33.50 40.00
CA ARG A 52 7.18 -32.97 41.31
C ARG A 52 7.13 -34.09 42.35
N LYS A 53 6.58 -35.24 41.97
CA LYS A 53 6.53 -36.36 42.92
C LYS A 53 7.93 -36.84 43.27
N THR A 54 8.78 -37.03 42.27
CA THR A 54 10.16 -37.49 42.51
C THR A 54 10.94 -36.50 43.34
N ALA A 55 10.63 -35.21 43.21
CA ALA A 55 11.34 -34.20 43.98
C ALA A 55 10.90 -34.19 45.43
N GLY A 56 9.83 -34.91 45.78
CA GLY A 56 9.35 -34.90 47.13
C GLY A 56 8.35 -33.83 47.48
N LEU A 57 7.81 -33.12 46.49
CA LEU A 57 6.77 -32.14 46.75
C LEU A 57 5.44 -32.83 47.05
N GLU A 58 4.62 -32.17 47.85
CA GLU A 58 3.27 -32.67 48.06
C GLU A 58 2.42 -32.47 46.81
N PRO A 59 1.41 -33.31 46.59
CA PRO A 59 0.43 -33.04 45.54
C PRO A 59 -0.11 -31.63 45.72
N GLU A 60 -0.31 -30.94 44.60
CA GLU A 60 -0.87 -29.60 44.52
C GLU A 60 0.14 -28.51 44.89
N SER A 61 1.39 -28.86 45.14
CA SER A 61 2.42 -27.89 45.46
C SER A 61 2.61 -26.90 44.32
N MET A 62 2.78 -25.63 44.68
CA MET A 62 3.09 -24.59 43.72
C MET A 62 4.58 -24.27 43.70
N CYS A 63 5.41 -25.12 44.30
N CYS A 63 5.41 -25.11 44.32
CA CYS A 63 6.84 -24.92 44.33
CA CYS A 63 6.85 -24.92 44.33
C CYS A 63 7.48 -25.36 43.00
C CYS A 63 7.46 -25.34 42.98
N PRO A 64 8.43 -24.58 42.48
CA PRO A 64 9.11 -24.98 41.25
C PRO A 64 9.90 -26.26 41.45
N VAL A 65 10.09 -27.01 40.36
CA VAL A 65 10.94 -28.20 40.38
C VAL A 65 11.96 -28.06 39.25
N THR A 66 13.22 -28.32 39.55
CA THR A 66 14.31 -28.09 38.59
C THR A 66 14.94 -29.42 38.19
N THR A 67 15.13 -29.61 36.89
CA THR A 67 15.74 -30.81 36.35
C THR A 67 16.74 -30.38 35.29
N LYS A 68 17.30 -31.36 34.59
CA LYS A 68 18.18 -31.10 33.47
C LYS A 68 17.50 -31.62 32.22
N LEU A 69 17.45 -30.77 31.21
CA LEU A 69 16.86 -31.08 29.92
C LEU A 69 17.82 -30.59 28.86
N LEU A 70 18.22 -31.47 27.94
CA LEU A 70 19.07 -31.10 26.80
C LEU A 70 20.34 -30.38 27.25
N GLY A 71 20.97 -30.89 28.31
CA GLY A 71 22.23 -30.35 28.77
C GLY A 71 22.16 -29.09 29.60
N GLN A 72 20.97 -28.60 29.95
CA GLN A 72 20.87 -27.38 30.73
C GLN A 72 19.77 -27.50 31.77
N ASP A 73 19.83 -26.65 32.79
CA ASP A 73 18.78 -26.65 33.81
C ASP A 73 17.44 -26.30 33.17
N ALA A 74 16.37 -26.83 33.74
CA ALA A 74 15.03 -26.46 33.35
C ALA A 74 14.19 -26.46 34.61
N THR A 75 13.50 -25.37 34.87
CA THR A 75 12.68 -25.23 36.06
C THR A 75 11.22 -25.21 35.63
N ILE A 76 10.42 -26.15 36.17
CA ILE A 76 9.03 -26.31 35.79
C ILE A 76 8.17 -25.61 36.84
N VAL A 77 7.31 -24.69 36.39
CA VAL A 77 6.44 -23.90 37.27
C VAL A 77 5.00 -24.03 36.77
N ARG A 78 4.03 -23.78 37.65
CA ARG A 78 2.62 -23.81 37.26
C ARG A 78 1.85 -22.80 38.10
N GLY A 79 0.60 -22.55 37.70
CA GLY A 79 -0.25 -21.65 38.46
C GLY A 79 0.03 -20.18 38.16
N SER A 80 -0.70 -19.30 38.87
CA SER A 80 -0.71 -17.88 38.50
C SER A 80 0.65 -17.22 38.63
N ALA A 81 1.39 -17.53 39.70
CA ALA A 81 2.71 -16.94 39.87
C ALA A 81 3.69 -17.44 38.82
N GLY A 82 3.55 -18.71 38.42
CA GLY A 82 4.36 -19.24 37.33
C GLY A 82 4.05 -18.57 36.00
N ILE A 83 2.77 -18.28 35.74
CA ILE A 83 2.37 -17.55 34.53
C ILE A 83 3.05 -16.19 34.49
N ASP A 84 3.04 -15.47 35.61
CA ASP A 84 3.64 -14.13 35.62
C ASP A 84 5.13 -14.18 35.30
N LEU A 85 5.82 -15.17 35.85
CA LEU A 85 7.25 -15.33 35.53
C LEU A 85 7.44 -15.62 34.05
N PHE A 86 6.69 -16.59 33.53
CA PHE A 86 6.90 -17.08 32.17
C PHE A 86 6.72 -15.97 31.15
N TYR A 87 5.77 -15.09 31.43
CA TYR A 87 5.42 -14.03 30.46
C TYR A 87 6.07 -12.69 30.82
N ASP A 88 7.07 -12.73 31.69
CA ASP A 88 7.79 -11.50 32.01
C ASP A 88 8.93 -11.35 31.01
N GLU A 89 8.71 -10.54 29.96
CA GLU A 89 9.73 -10.45 28.92
C GLU A 89 10.95 -9.66 29.37
N ASP A 90 10.93 -9.03 30.54
CA ASP A 90 12.17 -8.48 31.08
C ASP A 90 13.20 -9.58 31.38
N VAL A 91 12.75 -10.79 31.73
CA VAL A 91 13.65 -11.86 32.15
C VAL A 91 13.54 -13.12 31.31
N MET A 92 12.53 -13.25 30.44
CA MET A 92 12.32 -14.45 29.64
C MET A 92 12.40 -14.10 28.15
N GLN A 93 13.12 -14.92 27.38
CA GLN A 93 13.12 -14.86 25.93
C GLN A 93 12.63 -16.21 25.39
N ARG A 94 12.32 -16.24 24.10
CA ARG A 94 11.84 -17.49 23.47
C ARG A 94 12.88 -18.02 22.48
N GLU A 95 13.82 -17.19 22.02
CA GLU A 95 14.77 -17.70 21.04
C GLU A 95 15.55 -18.87 21.62
N GLY A 96 15.50 -20.01 20.94
CA GLY A 96 16.21 -21.18 21.38
C GLY A 96 15.51 -22.01 22.43
N ALA A 97 14.36 -21.56 22.96
CA ALA A 97 13.77 -22.29 24.09
C ALA A 97 13.14 -23.61 23.63
N MET A 98 12.48 -23.61 22.52
CA MET A 98 11.88 -24.85 22.04
C MET A 98 12.95 -25.69 21.34
N PRO A 99 13.10 -26.96 21.68
CA PRO A 99 14.03 -27.83 20.94
C PRO A 99 13.67 -27.84 19.46
N PRO A 100 14.65 -27.65 18.58
CA PRO A 100 14.33 -27.58 17.14
C PRO A 100 13.66 -28.82 16.59
N VAL A 101 13.93 -30.01 17.16
CA VAL A 101 13.27 -31.21 16.63
C VAL A 101 11.75 -31.10 16.74
N ILE A 102 11.24 -30.35 17.72
CA ILE A 102 9.83 -30.01 17.82
C ILE A 102 9.54 -28.78 16.96
N GLY A 103 10.26 -27.69 17.24
CA GLY A 103 9.84 -26.40 16.71
C GLY A 103 9.97 -26.28 15.21
N ASP A 104 11.07 -26.78 14.66
CA ASP A 104 11.27 -26.65 13.23
C ASP A 104 10.23 -27.42 12.46
N ALA A 105 9.73 -28.51 13.04
CA ALA A 105 8.68 -29.27 12.38
C ALA A 105 7.31 -28.63 12.61
N LEU A 106 7.04 -28.22 13.84
CA LEU A 106 5.68 -27.79 14.18
C LEU A 106 5.37 -26.40 13.65
N VAL A 107 6.25 -25.42 13.90
CA VAL A 107 6.00 -24.04 13.53
C VAL A 107 6.90 -23.53 12.39
N GLY A 108 7.99 -24.22 12.08
CA GLY A 108 8.89 -23.82 11.01
C GLY A 108 9.99 -22.90 11.50
N LYS A 109 11.08 -22.84 10.72
CA LYS A 109 12.20 -21.97 11.07
C LYS A 109 11.82 -20.52 10.89
N GLY A 110 12.30 -19.67 11.78
CA GLY A 110 12.08 -18.26 11.67
C GLY A 110 10.68 -17.80 12.03
N ALA A 111 9.86 -18.69 12.60
CA ALA A 111 8.49 -18.34 12.97
C ALA A 111 8.48 -17.31 14.10
N VAL A 112 7.36 -16.59 14.19
CA VAL A 112 7.12 -15.61 15.25
C VAL A 112 7.38 -16.20 16.64
N HIS A 113 7.17 -17.50 16.85
CA HIS A 113 7.35 -18.13 18.18
C HIS A 113 8.79 -17.97 18.70
N ASN A 114 9.76 -17.93 17.79
CA ASN A 114 11.17 -17.84 18.11
C ASN A 114 11.67 -16.40 18.28
N LEU A 115 10.84 -15.39 18.03
CA LEU A 115 11.30 -14.01 18.00
C LEU A 115 11.11 -13.37 19.36
N ASP A 116 11.92 -12.35 19.64
CA ASP A 116 11.86 -11.60 20.89
C ASP A 116 11.89 -10.11 20.58
N GLY A 117 11.54 -9.31 21.58
CA GLY A 117 11.66 -7.85 21.53
C GLY A 117 10.85 -7.22 20.42
N GLU A 118 11.39 -6.14 19.85
CA GLU A 118 10.61 -5.37 18.88
C GLU A 118 10.31 -6.19 17.62
N GLU A 119 11.26 -7.00 17.16
CA GLU A 119 10.96 -7.85 15.99
C GLU A 119 9.77 -8.77 16.27
N HIS A 120 9.69 -9.29 17.47
CA HIS A 120 8.50 -10.13 17.81
C HIS A 120 7.24 -9.27 17.80
N LYS A 121 7.31 -8.12 18.46
CA LYS A 121 6.14 -7.25 18.51
C LYS A 121 5.61 -6.91 17.11
N VAL A 122 6.50 -6.56 16.18
CA VAL A 122 6.10 -6.20 14.82
C VAL A 122 5.52 -7.41 14.09
N ARG A 123 6.17 -8.56 14.19
CA ARG A 123 5.66 -9.77 13.57
C ARG A 123 4.31 -10.16 14.19
N LYS A 124 4.22 -10.15 15.52
CA LYS A 124 2.96 -10.56 16.19
C LYS A 124 1.82 -9.57 15.84
N ALA A 125 2.12 -8.29 15.71
CA ALA A 125 1.04 -7.37 15.35
C ALA A 125 0.44 -7.76 14.00
N GLN A 126 1.28 -8.11 13.03
CA GLN A 126 0.73 -8.45 11.72
C GLN A 126 -0.03 -9.77 11.73
N MET A 127 0.35 -10.70 12.61
CA MET A 127 -0.36 -11.97 12.63
C MET A 127 -1.61 -11.90 13.50
N ALA A 128 -1.58 -11.13 14.60
CA ALA A 128 -2.79 -10.95 15.40
C ALA A 128 -3.83 -10.11 14.66
N ALA A 129 -3.39 -9.21 13.78
CA ALA A 129 -4.33 -8.44 12.99
C ALA A 129 -5.19 -9.35 12.14
N MET A 130 -4.65 -10.50 11.71
CA MET A 130 -5.40 -11.47 10.92
C MET A 130 -6.26 -12.39 11.78
N ALA A 131 -5.69 -12.97 12.84
CA ALA A 131 -6.38 -14.04 13.59
C ALA A 131 -7.28 -13.54 14.72
N TYR A 132 -6.97 -12.41 15.32
CA TYR A 132 -7.53 -12.01 16.60
C TYR A 132 -8.56 -10.89 16.50
N GLU A 133 -8.66 -10.24 15.34
CA GLU A 133 -9.63 -9.16 15.17
C GLU A 133 -11.05 -9.72 14.99
N ASP A 134 -12.00 -9.13 15.73
CA ASP A 134 -13.36 -9.66 15.77
C ASP A 134 -13.97 -9.70 14.38
N GLU A 135 -13.68 -8.70 13.53
CA GLU A 135 -14.24 -8.69 12.18
C GLU A 135 -13.75 -9.87 11.34
N ARG A 136 -12.48 -10.25 11.52
CA ARG A 136 -11.98 -11.40 10.76
C ARG A 136 -12.46 -12.73 11.34
N VAL A 137 -12.65 -12.80 12.65
CA VAL A 137 -13.24 -14.00 13.25
C VAL A 137 -14.66 -14.17 12.75
N ALA A 138 -15.37 -13.07 12.58
CA ALA A 138 -16.76 -13.15 12.10
C ALA A 138 -16.80 -13.61 10.65
N GLU A 139 -15.74 -13.37 9.87
CA GLU A 139 -15.66 -13.96 8.53
C GLU A 139 -15.48 -15.47 8.61
N PHE A 140 -14.73 -15.95 9.60
CA PHE A 140 -14.46 -17.39 9.72
C PHE A 140 -15.69 -18.18 10.18
N ALA A 141 -16.50 -17.60 11.06
CA ALA A 141 -17.63 -18.32 11.66
C ALA A 141 -18.53 -19.00 10.63
N PRO A 142 -19.03 -18.32 9.58
CA PRO A 142 -19.91 -19.03 8.63
C PRO A 142 -19.18 -20.06 7.79
N LEU A 143 -17.88 -19.87 7.54
CA LEU A 143 -17.13 -20.83 6.74
C LEU A 143 -16.95 -22.13 7.49
N VAL A 144 -16.58 -22.05 8.77
CA VAL A 144 -16.39 -23.29 9.53
C VAL A 144 -17.74 -23.97 9.81
N ALA A 145 -18.83 -23.21 10.02
CA ALA A 145 -20.14 -23.85 10.16
C ALA A 145 -20.52 -24.60 8.88
N GLU A 146 -20.21 -24.00 7.73
CA GLU A 146 -20.52 -24.65 6.46
C GLU A 146 -19.69 -25.92 6.26
N GLU A 147 -18.39 -25.88 6.61
CA GLU A 147 -17.56 -27.05 6.37
C GLU A 147 -17.86 -28.17 7.36
N VAL A 148 -18.13 -27.80 8.61
CA VAL A 148 -18.54 -28.80 9.61
C VAL A 148 -19.83 -29.49 9.18
N GLU A 149 -20.82 -28.71 8.75
CA GLU A 149 -22.08 -29.32 8.31
C GLU A 149 -21.85 -30.25 7.11
N ARG A 150 -20.92 -29.88 6.22
CA ARG A 150 -20.58 -30.75 5.09
C ARG A 150 -19.95 -32.06 5.55
N ALA A 151 -19.04 -32.01 6.52
CA ALA A 151 -18.44 -33.23 7.03
C ALA A 151 -19.49 -34.12 7.69
N VAL A 152 -20.35 -33.52 8.54
CA VAL A 152 -21.36 -34.31 9.23
C VAL A 152 -22.36 -34.90 8.24
N ALA A 153 -22.66 -34.19 7.16
CA ALA A 153 -23.52 -34.76 6.14
C ALA A 153 -22.89 -36.00 5.53
N GLY A 154 -21.56 -36.02 5.40
CA GLY A 154 -20.90 -37.20 4.87
C GLY A 154 -20.97 -38.41 5.79
N TRP A 155 -21.38 -38.22 7.04
CA TRP A 155 -21.53 -39.33 7.96
C TRP A 155 -22.89 -40.04 7.83
N GLU A 156 -23.83 -39.49 7.08
CA GLU A 156 -25.18 -40.06 7.06
C GLU A 156 -25.15 -41.46 6.49
N GLY A 157 -25.56 -42.44 7.31
CA GLY A 157 -25.52 -43.83 6.90
C GLY A 157 -24.15 -44.35 6.55
N ALA A 158 -23.08 -43.70 7.02
CA ALA A 158 -21.72 -44.05 6.64
C ALA A 158 -20.84 -44.04 7.90
N GLN A 159 -19.60 -44.50 7.76
CA GLN A 159 -18.70 -44.59 8.88
C GLN A 159 -17.75 -43.40 8.86
N GLY A 160 -17.91 -42.49 9.81
CA GLY A 160 -17.11 -41.28 9.87
C GLY A 160 -16.06 -41.33 10.99
N ASN A 161 -15.21 -40.31 10.99
CA ASN A 161 -14.13 -40.23 11.94
C ASN A 161 -14.02 -38.77 12.39
N VAL A 162 -14.25 -38.51 13.68
CA VAL A 162 -14.30 -37.11 14.13
C VAL A 162 -12.98 -36.41 13.88
N PHE A 163 -11.88 -37.02 14.32
CA PHE A 163 -10.58 -36.37 14.19
C PHE A 163 -10.22 -36.10 12.73
N GLU A 164 -10.33 -37.11 11.86
CA GLU A 164 -9.90 -36.96 10.47
C GLU A 164 -10.83 -36.03 9.68
N ASP A 165 -12.14 -36.20 9.83
CA ASP A 165 -13.13 -35.45 9.06
C ASP A 165 -13.31 -34.02 9.58
N LEU A 166 -13.28 -33.79 10.91
CA LEU A 166 -13.42 -32.39 11.33
C LEU A 166 -12.10 -31.62 11.20
N SER A 167 -10.95 -32.29 11.30
CA SER A 167 -9.69 -31.60 11.01
C SER A 167 -9.68 -31.13 9.56
N LEU A 168 -10.13 -31.99 8.65
CA LEU A 168 -10.22 -31.60 7.24
C LEU A 168 -11.21 -30.45 7.04
N ALA A 169 -12.36 -30.50 7.71
CA ALA A 169 -13.34 -29.42 7.63
C ALA A 169 -12.74 -28.11 8.12
N PHE A 170 -12.06 -28.14 9.25
CA PHE A 170 -11.41 -26.93 9.74
C PHE A 170 -10.37 -26.42 8.74
N GLY A 171 -9.60 -27.32 8.14
CA GLY A 171 -8.59 -26.87 7.18
C GLY A 171 -9.22 -26.26 5.94
N ARG A 172 -10.29 -26.88 5.43
CA ARG A 172 -10.99 -26.27 4.30
C ARG A 172 -11.53 -24.89 4.67
N ALA A 173 -12.09 -24.74 5.88
CA ALA A 173 -12.57 -23.42 6.30
C ALA A 173 -11.42 -22.43 6.40
N ALA A 174 -10.28 -22.88 6.94
CA ALA A 174 -9.15 -21.99 7.15
C ALA A 174 -8.57 -21.48 5.83
N PHE A 175 -8.47 -22.38 4.82
CA PHE A 175 -7.95 -21.98 3.52
C PHE A 175 -8.89 -20.98 2.83
N ARG A 176 -10.19 -21.26 2.82
CA ARG A 176 -11.15 -20.30 2.28
C ARG A 176 -11.12 -18.99 3.06
N TRP A 177 -11.06 -19.07 4.40
CA TRP A 177 -11.02 -17.83 5.18
C TRP A 177 -9.79 -16.99 4.84
N ALA A 178 -8.63 -17.63 4.67
CA ALA A 178 -7.38 -16.92 4.41
C ALA A 178 -7.26 -16.39 2.99
N GLY A 179 -8.19 -16.73 2.12
CA GLY A 179 -8.05 -16.38 0.71
C GLY A 179 -7.11 -17.25 -0.09
N ILE A 180 -6.80 -18.46 0.40
CA ILE A 180 -6.00 -19.40 -0.36
C ILE A 180 -6.95 -20.11 -1.31
N ASP A 181 -6.86 -19.78 -2.60
CA ASP A 181 -7.90 -20.19 -3.55
C ASP A 181 -7.32 -21.26 -4.47
N LEU A 182 -7.68 -22.51 -4.22
CA LEU A 182 -7.11 -23.64 -4.93
C LEU A 182 -8.22 -24.61 -5.30
N PRO A 183 -8.00 -25.46 -6.29
CA PRO A 183 -8.96 -26.55 -6.56
C PRO A 183 -9.19 -27.40 -5.31
N ALA A 184 -10.36 -28.04 -5.25
CA ALA A 184 -10.73 -28.78 -4.04
C ALA A 184 -9.70 -29.86 -3.70
N GLU A 185 -9.22 -30.61 -4.70
CA GLU A 185 -8.34 -31.73 -4.39
C GLU A 185 -6.99 -31.23 -3.87
N ASN A 186 -6.50 -30.10 -4.40
CA ASN A 186 -5.25 -29.53 -3.90
C ASN A 186 -5.39 -29.10 -2.45
N THR A 187 -6.47 -28.40 -2.13
CA THR A 187 -6.67 -27.98 -0.74
C THR A 187 -6.71 -29.18 0.19
N ASP A 188 -7.51 -30.19 -0.16
CA ASP A 188 -7.62 -31.38 0.68
C ASP A 188 -6.26 -32.05 0.87
N GLU A 189 -5.45 -32.09 -0.20
CA GLU A 189 -4.15 -32.74 -0.08
C GLU A 189 -3.25 -31.96 0.85
N LEU A 190 -3.29 -30.62 0.77
CA LEU A 190 -2.43 -29.79 1.62
C LEU A 190 -2.87 -29.85 3.08
N VAL A 191 -4.18 -29.74 3.31
CA VAL A 191 -4.71 -29.94 4.67
C VAL A 191 -4.34 -31.33 5.17
N GLY A 192 -4.37 -32.32 4.28
CA GLY A 192 -3.95 -33.67 4.68
C GLY A 192 -2.51 -33.72 5.16
N ARG A 193 -1.63 -32.97 4.48
CA ARG A 193 -0.23 -32.88 4.94
C ARG A 193 -0.15 -32.26 6.33
N MET A 194 -0.94 -31.21 6.59
CA MET A 194 -0.93 -30.57 7.90
C MET A 194 -1.41 -31.53 8.99
N ILE A 195 -2.45 -32.31 8.69
CA ILE A 195 -2.91 -33.33 9.65
C ILE A 195 -1.80 -34.36 9.92
N THR A 196 -1.14 -34.82 8.87
CA THR A 196 -0.07 -35.81 9.08
C THR A 196 1.06 -35.22 9.92
N LEU A 197 1.43 -33.96 9.64
CA LEU A 197 2.43 -33.27 10.44
C LEU A 197 1.98 -33.16 11.91
N LEU A 198 0.76 -32.66 12.14
CA LEU A 198 0.23 -32.52 13.50
C LEU A 198 0.16 -33.86 14.23
N ASP A 199 -0.15 -34.92 13.51
CA ASP A 199 -0.33 -36.24 14.13
C ASP A 199 0.98 -36.98 14.36
N ASN A 200 2.14 -36.39 14.01
CA ASN A 200 3.41 -37.13 14.09
C ASN A 200 4.60 -36.38 14.67
N PHE A 201 4.54 -35.06 14.88
CA PHE A 201 5.76 -34.32 15.22
C PHE A 201 6.28 -34.70 16.59
N GLY A 202 5.48 -35.32 17.43
CA GLY A 202 5.85 -35.46 18.81
C GLY A 202 6.39 -36.80 19.25
N THR A 203 6.59 -37.75 18.34
CA THR A 203 7.10 -39.07 18.70
C THR A 203 8.36 -39.40 17.89
N ALA A 204 9.11 -40.39 18.37
CA ALA A 204 10.35 -40.79 17.69
C ALA A 204 10.05 -41.39 16.32
N THR A 205 9.03 -42.23 16.22
CA THR A 205 8.64 -42.80 14.93
C THR A 205 8.04 -41.76 14.00
N GLY A 206 7.37 -40.76 14.55
CA GLY A 206 6.65 -39.85 13.68
C GLY A 206 7.48 -38.66 13.21
N THR A 207 8.53 -38.31 13.93
CA THR A 207 9.22 -37.07 13.58
C THR A 207 9.79 -37.04 12.16
N PRO A 208 10.31 -38.13 11.57
CA PRO A 208 10.70 -38.00 10.16
C PRO A 208 9.53 -37.75 9.24
N LYS A 209 8.36 -38.33 9.52
CA LYS A 209 7.17 -38.02 8.72
C LYS A 209 6.77 -36.55 8.86
N ALA A 210 6.82 -36.01 10.09
CA ALA A 210 6.50 -34.60 10.27
C ALA A 210 7.48 -33.72 9.50
N PHE A 211 8.77 -34.05 9.56
CA PHE A 211 9.74 -33.18 8.89
C PHE A 211 9.59 -33.24 7.38
N TRP A 212 9.22 -34.40 6.83
CA TRP A 212 8.96 -34.51 5.39
C TRP A 212 7.78 -33.62 4.97
N GLN A 213 6.66 -33.69 5.70
CA GLN A 213 5.52 -32.82 5.42
C GLN A 213 5.88 -31.35 5.57
N ARG A 214 6.67 -31.01 6.58
CA ARG A 214 7.11 -29.63 6.75
C ARG A 214 7.85 -29.12 5.52
N ARG A 215 8.72 -29.94 4.94
CA ARG A 215 9.45 -29.47 3.77
C ARG A 215 8.53 -29.24 2.58
N GLN A 216 7.62 -30.19 2.32
CA GLN A 216 6.67 -30.05 1.22
C GLN A 216 5.76 -28.85 1.42
N LEU A 217 5.26 -28.66 2.65
CA LEU A 217 4.38 -27.53 2.91
C LEU A 217 5.13 -26.22 2.78
N ASP A 218 6.34 -26.15 3.35
CA ASP A 218 7.16 -24.95 3.21
C ASP A 218 7.43 -24.62 1.74
N ASN A 219 7.77 -25.63 0.93
CA ASN A 219 7.98 -25.37 -0.50
C ASN A 219 6.70 -24.84 -1.15
N TRP A 220 5.56 -25.46 -0.82
CA TRP A 220 4.29 -25.00 -1.37
C TRP A 220 3.99 -23.55 -0.97
N ALA A 221 4.13 -23.23 0.32
CA ALA A 221 3.76 -21.89 0.76
C ALA A 221 4.72 -20.83 0.21
N GLU A 222 6.01 -21.16 0.08
CA GLU A 222 6.96 -20.20 -0.44
C GLU A 222 6.63 -19.86 -1.89
N ALA A 223 6.33 -20.88 -2.69
CA ALA A 223 5.93 -20.66 -4.08
C ALA A 223 4.64 -19.86 -4.18
N LEU A 224 3.66 -20.12 -3.30
CA LEU A 224 2.44 -19.33 -3.32
C LEU A 224 2.72 -17.87 -2.95
N ILE A 225 3.51 -17.62 -1.90
CA ILE A 225 3.87 -16.25 -1.54
C ILE A 225 4.58 -15.57 -2.70
N THR A 226 5.54 -16.26 -3.32
CA THR A 226 6.31 -15.65 -4.39
C THR A 226 5.42 -15.39 -5.60
N ASP A 227 4.47 -16.28 -5.87
CA ASP A 227 3.51 -16.04 -6.94
C ASP A 227 2.70 -14.78 -6.69
N VAL A 228 2.31 -14.52 -5.43
CA VAL A 228 1.52 -13.33 -5.18
C VAL A 228 2.39 -12.09 -5.34
N ARG A 229 3.61 -12.13 -4.82
CA ARG A 229 4.50 -10.98 -4.91
C ARG A 229 4.92 -10.67 -6.34
N GLU A 230 4.93 -11.65 -7.24
CA GLU A 230 5.36 -11.41 -8.61
C GLU A 230 4.20 -11.20 -9.57
N GLY A 231 2.96 -11.23 -9.09
CA GLY A 231 1.79 -10.98 -9.90
C GLY A 231 1.21 -12.18 -10.61
N ARG A 232 1.82 -13.36 -10.49
CA ARG A 232 1.27 -14.54 -11.15
C ARG A 232 -0.04 -15.01 -10.54
N ILE A 233 -0.30 -14.66 -9.28
CA ILE A 233 -1.53 -14.98 -8.60
C ILE A 233 -2.03 -13.72 -7.94
N THR A 234 -3.33 -13.45 -8.07
CA THR A 234 -3.95 -12.27 -7.50
C THR A 234 -4.70 -12.69 -6.25
N ALA A 235 -4.26 -12.22 -5.09
CA ALA A 235 -4.96 -12.48 -3.86
C ALA A 235 -6.15 -11.54 -3.74
N ARG A 236 -7.21 -12.01 -3.11
CA ARG A 236 -8.32 -11.14 -2.79
C ARG A 236 -7.82 -9.96 -1.95
N PRO A 237 -8.22 -8.73 -2.28
CA PRO A 237 -7.74 -7.59 -1.49
C PRO A 237 -8.11 -7.74 -0.02
N ASP A 238 -7.14 -7.41 0.84
CA ASP A 238 -7.26 -7.41 2.30
C ASP A 238 -7.37 -8.81 2.91
N CYS A 239 -7.13 -9.87 2.15
CA CYS A 239 -7.22 -11.20 2.74
C CYS A 239 -5.91 -11.58 3.42
N VAL A 240 -5.96 -12.64 4.23
CA VAL A 240 -4.80 -13.07 5.01
C VAL A 240 -3.60 -13.35 4.10
N LEU A 241 -3.84 -14.03 2.97
CA LEU A 241 -2.76 -14.32 2.05
C LEU A 241 -2.10 -13.04 1.56
N GLU A 242 -2.88 -12.02 1.21
CA GLU A 242 -2.26 -10.77 0.79
C GLU A 242 -1.44 -10.17 1.92
N HIS A 243 -1.97 -10.17 3.15
CA HIS A 243 -1.21 -9.59 4.26
C HIS A 243 0.05 -10.39 4.58
N MET A 244 0.05 -11.70 4.33
CA MET A 244 1.28 -12.46 4.57
C MET A 244 2.30 -12.18 3.46
N ALA A 245 1.83 -12.02 2.22
CA ALA A 245 2.75 -11.64 1.15
C ALA A 245 3.34 -10.26 1.39
N GLN A 246 2.66 -9.40 2.15
CA GLN A 246 3.13 -8.07 2.49
C GLN A 246 3.82 -8.02 3.84
N LEU A 247 4.13 -9.17 4.42
CA LEU A 247 4.76 -9.20 5.74
C LEU A 247 6.09 -8.46 5.74
N THR A 248 6.25 -7.53 6.68
CA THR A 248 7.48 -6.76 6.79
C THR A 248 8.06 -6.88 8.18
N ASP A 249 9.34 -6.55 8.33
CA ASP A 249 9.99 -6.64 9.62
C ASP A 249 10.14 -5.26 10.25
N ALA A 250 10.86 -5.18 11.37
CA ALA A 250 10.90 -3.93 12.12
C ALA A 250 11.66 -2.83 11.40
N SER A 251 12.57 -3.18 10.49
N SER A 251 12.57 -3.19 10.49
CA SER A 251 13.28 -2.19 9.69
CA SER A 251 13.29 -2.19 9.70
C SER A 251 12.46 -1.68 8.51
C SER A 251 12.53 -1.79 8.44
N GLY A 252 11.30 -2.28 8.26
CA GLY A 252 10.51 -1.92 7.11
C GLY A 252 10.72 -2.76 5.87
N GLU A 253 11.61 -3.75 5.93
CA GLU A 253 11.84 -4.55 4.74
C GLU A 253 10.91 -5.77 4.73
N ARG A 254 10.64 -6.27 3.53
N ARG A 254 10.63 -6.24 3.52
CA ARG A 254 9.79 -7.44 3.42
CA ARG A 254 9.93 -7.49 3.31
C ARG A 254 10.52 -8.68 3.90
C ARG A 254 10.61 -8.64 4.06
N VAL A 255 9.81 -9.48 4.70
CA VAL A 255 10.33 -10.75 5.19
C VAL A 255 10.47 -11.70 4.01
N ASP A 256 11.50 -12.53 4.02
CA ASP A 256 11.73 -13.41 2.88
C ASP A 256 10.51 -14.32 2.63
N ALA A 257 10.40 -14.82 1.40
CA ALA A 257 9.16 -15.45 0.97
C ALA A 257 8.90 -16.76 1.72
N ARG A 258 9.94 -17.54 2.00
CA ARG A 258 9.74 -18.79 2.73
C ARG A 258 9.25 -18.55 4.15
N THR A 259 9.80 -17.54 4.85
CA THR A 259 9.32 -17.21 6.17
C THR A 259 7.88 -16.71 6.15
N ALA A 260 7.53 -15.87 5.16
CA ALA A 260 6.13 -15.45 5.02
C ALA A 260 5.22 -16.65 4.72
N GLY A 261 5.72 -17.64 3.99
CA GLY A 261 4.90 -18.82 3.78
C GLY A 261 4.77 -19.63 5.05
N ILE A 262 5.82 -19.65 5.86
CA ILE A 262 5.73 -20.31 7.17
C ILE A 262 4.70 -19.60 8.06
N GLU A 263 4.63 -18.27 7.99
CA GLU A 263 3.65 -17.56 8.79
C GLU A 263 2.23 -17.75 8.26
N LEU A 264 2.05 -17.88 6.95
CA LEU A 264 0.74 -18.23 6.42
C LEU A 264 0.29 -19.60 6.96
N GLN A 265 1.22 -20.55 7.07
CA GLN A 265 0.89 -21.85 7.68
C GLN A 265 0.55 -21.71 9.18
N ASN A 266 1.18 -20.76 9.84
CA ASN A 266 0.93 -20.52 11.29
C ASN A 266 -0.45 -19.86 11.52
N LEU A 267 -1.16 -19.54 10.44
CA LEU A 267 -2.52 -18.97 10.56
C LEU A 267 -3.54 -19.91 9.91
N THR A 268 -3.12 -21.12 9.55
CA THR A 268 -4.03 -22.08 8.95
C THR A 268 -3.84 -23.46 9.60
N ARG A 269 -2.61 -23.94 9.70
CA ARG A 269 -2.40 -25.22 10.37
C ARG A 269 -2.96 -25.27 11.80
N PRO A 270 -2.78 -24.25 12.69
CA PRO A 270 -3.34 -24.36 14.04
C PRO A 270 -4.87 -24.52 14.04
N THR A 271 -5.55 -23.94 13.04
CA THR A 271 -6.99 -24.18 12.91
C THR A 271 -7.29 -25.65 12.61
N VAL A 272 -6.51 -26.27 11.73
CA VAL A 272 -6.64 -27.72 11.50
C VAL A 272 -6.49 -28.46 12.82
N ALA A 273 -5.55 -28.01 13.67
CA ALA A 273 -5.26 -28.67 14.93
C ALA A 273 -6.42 -28.60 15.92
N VAL A 274 -7.42 -27.76 15.66
CA VAL A 274 -8.60 -27.78 16.57
C VAL A 274 -9.27 -29.16 16.48
N GLY A 275 -8.95 -29.92 15.43
CA GLY A 275 -9.48 -31.27 15.33
C GLY A 275 -9.17 -32.16 16.53
N PHE A 276 -8.02 -31.94 17.19
CA PHE A 276 -7.75 -32.67 18.43
C PHE A 276 -8.79 -32.36 19.50
N PHE A 277 -9.01 -31.06 19.76
CA PHE A 277 -10.08 -30.67 20.69
C PHE A 277 -11.44 -31.16 20.21
N ALA A 278 -11.68 -31.21 18.89
CA ALA A 278 -12.99 -31.69 18.45
C ALA A 278 -13.19 -33.17 18.75
N SER A 279 -12.12 -33.97 18.63
CA SER A 279 -12.14 -35.38 19.03
C SER A 279 -12.49 -35.51 20.51
N PHE A 280 -11.82 -34.74 21.37
CA PHE A 280 -12.14 -34.80 22.79
C PHE A 280 -13.57 -34.36 23.05
N ALA A 281 -14.05 -33.38 22.29
CA ALA A 281 -15.41 -32.91 22.53
C ALA A 281 -16.42 -34.01 22.24
N ALA A 282 -16.16 -34.83 21.23
CA ALA A 282 -17.06 -35.95 20.96
C ALA A 282 -17.04 -36.96 22.11
N VAL A 283 -15.85 -37.25 22.64
CA VAL A 283 -15.75 -38.10 23.82
C VAL A 283 -16.57 -37.50 24.96
N ALA A 284 -16.38 -36.19 25.20
CA ALA A 284 -17.04 -35.55 26.32
C ALA A 284 -18.56 -35.54 26.15
N LEU A 285 -19.06 -35.44 24.92
CA LEU A 285 -20.52 -35.51 24.72
C LEU A 285 -21.08 -36.91 24.96
N ALA A 286 -20.33 -37.94 24.58
CA ALA A 286 -20.71 -39.31 24.92
C ALA A 286 -20.74 -39.51 26.42
N GLU A 287 -19.85 -38.82 27.14
CA GLU A 287 -19.72 -39.00 28.57
C GLU A 287 -20.65 -38.10 29.37
N ASN A 288 -21.17 -37.03 28.76
CA ASN A 288 -22.01 -36.07 29.46
C ASN A 288 -23.33 -35.88 28.72
N PRO A 289 -24.19 -36.91 28.71
CA PRO A 289 -25.43 -36.81 27.90
C PRO A 289 -26.39 -35.72 28.39
N GLN A 290 -26.36 -35.34 29.65
CA GLN A 290 -27.25 -34.28 30.08
C GLN A 290 -26.81 -32.91 29.53
N TRP A 291 -25.50 -32.67 29.45
CA TRP A 291 -25.02 -31.47 28.77
C TRP A 291 -25.34 -31.50 27.29
N ARG A 292 -25.21 -32.67 26.67
CA ARG A 292 -25.58 -32.79 25.27
C ARG A 292 -27.05 -32.41 25.05
N THR A 293 -27.94 -32.85 25.93
CA THR A 293 -29.35 -32.45 25.83
C THR A 293 -29.53 -30.96 26.00
N ARG A 294 -28.82 -30.35 26.96
CA ARG A 294 -28.98 -28.92 27.15
C ARG A 294 -28.52 -28.14 25.92
N ILE A 295 -27.46 -28.61 25.26
CA ILE A 295 -27.00 -27.97 24.02
C ILE A 295 -28.06 -28.09 22.93
N ASN A 296 -28.63 -29.30 22.77
CA ASN A 296 -29.63 -29.47 21.71
C ASN A 296 -30.89 -28.66 21.99
N GLU A 297 -31.19 -28.38 23.25
CA GLU A 297 -32.45 -27.68 23.53
C GLU A 297 -32.26 -26.18 23.60
N SER A 298 -31.03 -25.70 23.50
CA SER A 298 -30.77 -24.28 23.66
C SER A 298 -30.94 -23.52 22.36
N GLU A 299 -31.36 -22.27 22.47
CA GLU A 299 -31.35 -21.37 21.33
C GLU A 299 -30.25 -20.31 21.44
N THR A 300 -29.45 -20.31 22.50
CA THR A 300 -28.57 -19.20 22.76
C THR A 300 -27.13 -19.45 22.36
N GLY A 301 -26.74 -20.71 22.18
CA GLY A 301 -25.34 -21.05 22.02
C GLY A 301 -24.48 -20.98 23.27
N ARG A 302 -25.04 -20.57 24.42
CA ARG A 302 -24.22 -20.38 25.63
C ARG A 302 -23.69 -21.71 26.17
N GLU A 303 -24.52 -22.75 26.19
CA GLU A 303 -24.07 -24.06 26.67
C GLU A 303 -22.99 -24.65 25.78
N ALA A 304 -23.16 -24.55 24.46
CA ALA A 304 -22.14 -25.08 23.56
C ALA A 304 -20.82 -24.35 23.72
N PHE A 305 -20.89 -23.04 23.96
CA PHE A 305 -19.69 -22.25 24.22
C PHE A 305 -19.01 -22.72 25.49
N ALA A 306 -19.78 -22.86 26.57
CA ALA A 306 -19.19 -23.24 27.85
C ALA A 306 -18.62 -24.65 27.78
N PHE A 307 -19.30 -25.55 27.07
CA PHE A 307 -18.81 -26.91 26.84
C PHE A 307 -17.51 -26.89 26.07
N ALA A 308 -17.43 -26.06 25.02
CA ALA A 308 -16.20 -25.98 24.25
C ALA A 308 -15.05 -25.50 25.11
N GLN A 309 -15.30 -24.51 25.97
CA GLN A 309 -14.25 -23.99 26.86
C GLN A 309 -13.80 -25.06 27.86
N GLU A 310 -14.75 -25.80 28.42
CA GLU A 310 -14.33 -26.82 29.39
C GLU A 310 -13.64 -27.98 28.70
N VAL A 311 -13.89 -28.22 27.41
CA VAL A 311 -13.04 -29.17 26.68
C VAL A 311 -11.60 -28.67 26.64
N ARG A 312 -11.39 -27.38 26.36
CA ARG A 312 -10.04 -26.84 26.31
C ARG A 312 -9.39 -26.84 27.69
N ARG A 313 -10.17 -26.62 28.75
CA ARG A 313 -9.58 -26.67 30.09
C ARG A 313 -9.18 -28.08 30.47
N PHE A 314 -10.03 -29.06 30.18
CA PHE A 314 -9.93 -30.38 30.81
C PHE A 314 -8.98 -31.32 30.08
N TYR A 315 -9.08 -31.34 28.74
CA TYR A 315 -8.38 -32.34 27.96
C TYR A 315 -6.95 -31.90 27.63
N PRO A 316 -6.03 -32.87 27.55
CA PRO A 316 -4.62 -32.53 27.32
C PRO A 316 -4.36 -32.17 25.85
N PHE A 317 -3.70 -31.04 25.66
CA PHE A 317 -3.29 -30.68 24.32
C PHE A 317 -1.88 -30.13 24.42
N VAL A 318 -1.72 -28.93 24.95
CA VAL A 318 -0.37 -28.44 25.23
C VAL A 318 0.12 -29.04 26.54
N PRO A 319 1.20 -29.83 26.58
CA PRO A 319 1.65 -30.33 27.89
C PRO A 319 2.29 -29.24 28.72
N MET A 320 3.12 -28.42 28.10
CA MET A 320 3.99 -27.47 28.75
C MET A 320 4.61 -26.64 27.64
N PHE A 321 5.23 -25.53 28.00
CA PHE A 321 5.82 -24.63 26.99
C PHE A 321 7.10 -23.99 27.56
N PRO A 322 8.13 -23.81 26.71
CA PRO A 322 9.42 -23.35 27.24
C PRO A 322 9.80 -21.91 26.89
N ALA A 323 10.64 -21.33 27.73
CA ALA A 323 11.27 -20.03 27.58
C ALA A 323 12.67 -20.17 28.16
N LYS A 324 13.53 -19.19 27.91
CA LYS A 324 14.89 -19.16 28.47
C LYS A 324 15.11 -17.86 29.26
N ALA A 325 15.84 -17.97 30.37
CA ALA A 325 16.09 -16.78 31.15
C ALA A 325 17.11 -15.90 30.43
N THR A 326 16.83 -14.60 30.36
CA THR A 326 17.74 -13.70 29.69
C THR A 326 18.79 -13.13 30.62
N LYS A 327 18.62 -13.32 31.93
CA LYS A 327 19.52 -12.82 32.95
C LYS A 327 19.29 -13.67 34.19
N ASP A 328 20.23 -13.62 35.13
CA ASP A 328 20.07 -14.37 36.37
C ASP A 328 18.95 -13.75 37.20
N THR A 329 18.06 -14.57 37.71
CA THR A 329 16.97 -14.01 38.49
C THR A 329 16.56 -15.07 39.52
N GLU A 330 15.37 -14.92 40.07
CA GLU A 330 15.00 -15.77 41.21
C GLU A 330 13.49 -15.89 41.25
N PHE A 331 12.99 -17.09 41.51
CA PHE A 331 11.54 -17.32 41.56
C PHE A 331 11.22 -18.16 42.80
N GLU A 332 10.56 -17.54 43.77
CA GLU A 332 10.13 -18.20 45.00
C GLU A 332 11.29 -18.94 45.68
N GLY A 333 12.39 -18.22 45.85
CA GLY A 333 13.55 -18.76 46.54
C GLY A 333 14.44 -19.63 45.70
N CYS A 334 14.04 -19.98 44.50
CA CYS A 334 14.81 -20.79 43.59
C CYS A 334 15.62 -19.89 42.66
N PRO A 335 16.93 -20.11 42.54
CA PRO A 335 17.71 -19.33 41.57
C PRO A 335 17.38 -19.76 40.15
N ILE A 336 17.31 -18.78 39.25
CA ILE A 336 17.10 -18.99 37.82
C ILE A 336 18.34 -18.45 37.12
N HIS A 337 19.07 -19.31 36.40
CA HIS A 337 20.33 -18.90 35.77
C HIS A 337 20.11 -18.46 34.33
N GLN A 338 20.77 -17.36 33.95
CA GLN A 338 20.73 -16.92 32.56
C GLN A 338 20.98 -18.08 31.62
N GLY A 339 20.11 -18.24 30.63
CA GLY A 339 20.27 -19.31 29.68
C GLY A 339 19.51 -20.58 30.03
N GLN A 340 19.17 -20.80 31.29
CA GLN A 340 18.44 -22.02 31.60
C GLN A 340 17.00 -21.91 31.09
N ARG A 341 16.31 -23.05 31.01
CA ARG A 341 14.91 -23.00 30.59
C ARG A 341 13.99 -22.80 31.79
N VAL A 342 12.90 -22.07 31.55
CA VAL A 342 11.74 -22.06 32.42
C VAL A 342 10.60 -22.66 31.61
N ILE A 343 9.91 -23.64 32.19
CA ILE A 343 8.89 -24.41 31.51
C ILE A 343 7.58 -24.18 32.27
N LEU A 344 6.58 -23.63 31.60
CA LEU A 344 5.26 -23.47 32.20
C LEU A 344 4.48 -24.75 31.96
N ASP A 345 4.06 -25.40 33.06
CA ASP A 345 3.31 -26.66 33.00
C ASP A 345 1.84 -26.30 32.73
N PHE A 346 1.34 -26.61 31.53
CA PHE A 346 -0.02 -26.23 31.19
C PHE A 346 -1.05 -27.14 31.85
N VAL A 347 -0.86 -28.45 31.71
CA VAL A 347 -1.74 -29.41 32.36
C VAL A 347 -1.85 -29.10 33.86
N GLY A 348 -0.71 -28.88 34.52
CA GLY A 348 -0.72 -28.60 35.94
C GLY A 348 -1.35 -27.28 36.32
N THR A 349 -1.43 -26.33 35.39
CA THR A 349 -2.13 -25.07 35.66
C THR A 349 -3.63 -25.22 35.42
N LEU A 350 -3.99 -25.89 34.32
CA LEU A 350 -5.39 -26.13 34.01
C LEU A 350 -6.05 -27.09 35.03
N HIS A 351 -5.25 -27.89 35.73
CA HIS A 351 -5.76 -28.90 36.66
C HIS A 351 -5.35 -28.63 38.10
N SER A 352 -4.81 -27.45 38.40
CA SER A 352 -4.36 -27.15 39.75
C SER A 352 -5.55 -27.00 40.69
N ALA A 353 -5.52 -27.73 41.80
CA ALA A 353 -6.56 -27.57 42.81
C ALA A 353 -6.51 -26.20 43.49
N GLU A 354 -5.37 -25.51 43.43
CA GLU A 354 -5.28 -24.17 43.99
C GLU A 354 -5.94 -23.12 43.11
N GLU A 355 -6.05 -23.39 41.82
CA GLU A 355 -6.59 -22.43 40.87
C GLU A 355 -8.03 -22.72 40.49
N TRP A 356 -8.49 -23.97 40.66
CA TRP A 356 -9.80 -24.40 40.20
C TRP A 356 -10.51 -25.21 41.28
N ASP A 357 -11.83 -25.09 41.36
CA ASP A 357 -12.62 -25.95 42.21
C ASP A 357 -12.85 -27.26 41.50
N ASN A 358 -12.56 -28.37 42.18
CA ASN A 358 -12.72 -29.71 41.64
C ASN A 358 -12.13 -29.85 40.24
N PRO A 359 -10.82 -29.64 40.08
CA PRO A 359 -10.26 -29.59 38.71
C PRO A 359 -10.36 -30.90 37.95
N ALA A 360 -10.52 -32.05 38.63
CA ALA A 360 -10.66 -33.32 37.92
C ALA A 360 -12.07 -33.55 37.40
N SER A 361 -13.01 -32.68 37.75
CA SER A 361 -14.39 -32.76 37.28
C SER A 361 -14.54 -32.01 35.95
N PHE A 362 -15.04 -32.70 34.94
CA PHE A 362 -15.44 -32.03 33.71
C PHE A 362 -16.78 -31.36 33.96
N ASP A 363 -16.82 -30.03 33.94
CA ASP A 363 -18.00 -29.31 34.41
C ASP A 363 -18.12 -28.01 33.66
N PRO A 364 -18.86 -28.01 32.53
CA PRO A 364 -19.07 -26.76 31.79
C PRO A 364 -19.72 -25.64 32.58
N GLU A 365 -20.36 -25.93 33.72
N GLU A 365 -20.34 -25.95 33.72
CA GLU A 365 -20.93 -24.83 34.49
CA GLU A 365 -20.92 -24.88 34.53
C GLU A 365 -19.88 -23.81 34.88
C GLU A 365 -19.88 -23.81 34.87
N ARG A 366 -18.60 -24.20 34.94
CA ARG A 366 -17.61 -23.21 35.37
C ARG A 366 -17.42 -22.10 34.33
N PHE A 367 -17.91 -22.26 33.11
CA PHE A 367 -17.85 -21.22 32.10
C PHE A 367 -19.22 -20.65 31.71
N MET A 368 -20.30 -21.09 32.37
CA MET A 368 -21.64 -20.70 31.93
C MET A 368 -21.94 -19.22 32.18
N ALA A 369 -21.21 -18.56 33.06
CA ALA A 369 -21.42 -17.13 33.27
C ALA A 369 -20.70 -16.26 32.26
N TYR A 370 -19.84 -16.86 31.41
CA TYR A 370 -19.04 -16.12 30.45
C TYR A 370 -19.69 -16.15 29.07
N GLU A 371 -19.60 -15.04 28.34
CA GLU A 371 -20.28 -14.95 27.06
C GLU A 371 -19.35 -15.02 25.85
N THR A 372 -18.11 -14.59 25.97
CA THR A 372 -17.23 -14.55 24.82
C THR A 372 -15.84 -15.04 25.20
N GLN A 373 -15.01 -15.30 24.17
CA GLN A 373 -13.62 -15.66 24.44
C GLN A 373 -12.88 -14.48 25.05
N SER A 374 -13.19 -13.26 24.61
CA SER A 374 -12.61 -12.08 25.22
C SER A 374 -12.86 -12.05 26.73
N GLU A 375 -14.08 -12.39 27.16
CA GLU A 375 -14.34 -12.43 28.59
C GLU A 375 -13.58 -13.57 29.27
N ALA A 376 -13.45 -14.71 28.58
CA ALA A 376 -12.72 -15.84 29.17
C ALA A 376 -11.22 -15.54 29.37
N GLU A 377 -10.66 -14.61 28.61
CA GLU A 377 -9.29 -14.17 28.83
C GLU A 377 -9.05 -13.65 30.24
N THR A 378 -10.09 -13.14 30.91
CA THR A 378 -9.90 -12.62 32.26
C THR A 378 -9.60 -13.71 33.29
N ILE A 379 -9.76 -14.98 32.95
CA ILE A 379 -9.53 -16.07 33.90
C ILE A 379 -8.03 -16.40 33.85
N LYS A 380 -7.29 -15.98 34.87
CA LYS A 380 -5.83 -16.04 34.77
C LYS A 380 -5.25 -17.45 34.60
N PRO A 381 -5.69 -18.48 35.32
CA PRO A 381 -5.14 -19.82 35.07
C PRO A 381 -5.76 -20.55 33.87
N PHE A 382 -6.67 -19.95 33.11
CA PHE A 382 -7.26 -20.63 31.95
C PHE A 382 -6.33 -20.35 30.77
N ILE A 383 -5.28 -21.17 30.65
CA ILE A 383 -4.25 -20.94 29.64
C ILE A 383 -4.08 -22.10 28.67
N PRO A 384 -5.13 -22.68 28.07
CA PRO A 384 -4.91 -23.80 27.14
C PRO A 384 -4.08 -23.39 25.93
N GLN A 385 -4.10 -22.11 25.59
CA GLN A 385 -3.36 -21.62 24.41
C GLN A 385 -2.43 -20.47 24.86
N GLY A 386 -2.03 -20.51 26.12
CA GLY A 386 -1.09 -19.56 26.71
C GLY A 386 -1.78 -18.52 27.57
N GLY A 387 -0.96 -17.72 28.27
CA GLY A 387 -1.43 -16.72 29.21
C GLY A 387 -0.94 -15.31 28.93
N ALA A 388 -1.30 -14.42 29.84
CA ALA A 388 -0.94 -12.99 29.76
C ALA A 388 -1.61 -12.41 28.51
N ASP A 389 -0.97 -11.47 27.80
CA ASP A 389 -1.66 -10.66 26.82
C ASP A 389 -1.30 -11.09 25.40
N VAL A 390 -2.30 -11.10 24.51
CA VAL A 390 -2.11 -11.57 23.13
C VAL A 390 -1.21 -10.63 22.33
N ARG A 391 -1.41 -9.32 22.43
CA ARG A 391 -0.65 -8.44 21.55
C ARG A 391 0.73 -8.12 22.08
N THR A 392 0.90 -8.03 23.40
CA THR A 392 2.18 -7.65 23.98
C THR A 392 3.06 -8.84 24.31
N GLY A 393 2.52 -10.06 24.26
CA GLY A 393 3.31 -11.22 24.61
C GLY A 393 3.21 -12.29 23.56
N HIS A 394 3.51 -13.53 23.94
CA HIS A 394 3.54 -14.63 22.95
C HIS A 394 2.23 -15.43 22.95
N ARG A 395 1.26 -15.02 23.78
CA ARG A 395 0.02 -15.79 23.85
C ARG A 395 -0.59 -16.01 22.47
N CYS A 396 -1.22 -17.17 22.31
CA CYS A 396 -1.88 -17.53 21.04
C CYS A 396 -2.88 -16.46 20.61
N PRO A 397 -2.80 -15.96 19.37
CA PRO A 397 -3.80 -15.02 18.85
C PRO A 397 -4.98 -15.73 18.18
N GLY A 398 -5.02 -17.05 18.24
CA GLY A 398 -6.05 -17.81 17.52
C GLY A 398 -7.16 -18.35 18.41
N GLU A 399 -7.26 -17.87 19.65
CA GLU A 399 -8.25 -18.50 20.55
C GLU A 399 -9.68 -18.23 20.11
N LYS A 400 -9.95 -17.02 19.62
CA LYS A 400 -11.30 -16.74 19.09
C LYS A 400 -11.62 -17.64 17.91
N ILE A 401 -10.65 -17.81 16.98
CA ILE A 401 -10.86 -18.75 15.86
C ILE A 401 -11.10 -20.15 16.41
N ALA A 402 -10.25 -20.57 17.35
CA ALA A 402 -10.34 -21.94 17.85
C ALA A 402 -11.67 -22.20 18.57
N VAL A 403 -12.12 -21.26 19.42
CA VAL A 403 -13.38 -21.46 20.14
C VAL A 403 -14.55 -21.41 19.16
N THR A 404 -14.44 -20.59 18.11
CA THR A 404 -15.46 -20.56 17.08
C THR A 404 -15.59 -21.90 16.36
N ALA A 405 -14.45 -22.48 15.99
CA ALA A 405 -14.43 -23.77 15.30
C ALA A 405 -14.90 -24.88 16.25
N LEU A 406 -14.39 -24.87 17.48
CA LEU A 406 -14.77 -25.94 18.40
C LEU A 406 -16.24 -25.85 18.78
N SER A 407 -16.79 -24.62 18.91
CA SER A 407 -18.21 -24.45 19.21
C SER A 407 -19.07 -24.98 18.08
N ALA A 408 -18.67 -24.69 16.83
CA ALA A 408 -19.40 -25.23 15.68
C ALA A 408 -19.39 -26.75 15.72
N ALA A 409 -18.25 -27.35 16.05
CA ALA A 409 -18.16 -28.80 16.15
C ALA A 409 -19.06 -29.34 17.25
N VAL A 410 -19.01 -28.72 18.44
CA VAL A 410 -19.84 -29.18 19.55
C VAL A 410 -21.33 -29.18 19.18
N GLU A 411 -21.79 -28.09 18.54
CA GLU A 411 -23.21 -27.99 18.21
C GLU A 411 -23.61 -29.07 17.22
N ALA A 412 -22.74 -29.38 16.26
CA ALA A 412 -23.08 -30.38 15.25
C ALA A 412 -22.99 -31.80 15.84
N LEU A 413 -21.96 -32.05 16.66
CA LEU A 413 -21.76 -33.36 17.29
C LEU A 413 -22.86 -33.69 18.28
N ALA A 414 -23.43 -32.67 18.95
CA ALA A 414 -24.41 -32.90 19.99
C ALA A 414 -25.74 -33.39 19.43
N ARG A 415 -26.01 -33.13 18.15
CA ARG A 415 -27.33 -33.44 17.62
C ARG A 415 -27.65 -34.92 17.81
N PRO A 416 -28.91 -35.25 18.10
CA PRO A 416 -29.21 -36.61 18.55
C PRO A 416 -29.03 -37.66 17.46
N GLU A 417 -29.11 -37.28 16.19
CA GLU A 417 -28.86 -38.27 15.15
C GLU A 417 -27.39 -38.66 15.04
N VAL A 418 -26.47 -37.95 15.71
CA VAL A 418 -25.05 -38.31 15.66
C VAL A 418 -24.82 -39.46 16.65
N ARG A 419 -24.33 -40.60 16.16
CA ARG A 419 -24.07 -41.76 17.02
C ARG A 419 -22.55 -41.89 17.23
N ILE A 420 -22.10 -41.56 18.44
CA ILE A 420 -20.68 -41.55 18.80
C ILE A 420 -20.33 -42.91 19.39
N SER A 421 -19.33 -43.58 18.81
CA SER A 421 -18.97 -44.90 19.30
C SER A 421 -18.47 -44.85 20.72
N ALA A 422 -18.81 -45.86 21.50
CA ALA A 422 -18.44 -45.92 22.90
C ALA A 422 -17.42 -47.02 23.18
N GLU A 423 -16.82 -47.61 22.14
CA GLU A 423 -15.83 -48.68 22.34
C GLU A 423 -14.54 -48.10 22.91
N ALA A 424 -13.73 -48.95 23.55
CA ALA A 424 -12.59 -48.45 24.31
C ALA A 424 -11.61 -47.67 23.43
N ILE A 425 -11.37 -48.13 22.20
CA ILE A 425 -10.42 -47.40 21.36
C ILE A 425 -10.96 -46.06 20.86
N ASP A 426 -12.28 -45.83 20.95
CA ASP A 426 -12.84 -44.53 20.60
C ASP A 426 -12.86 -43.53 21.74
N ILE A 427 -12.87 -44.00 22.98
CA ILE A 427 -13.13 -43.15 24.12
C ILE A 427 -11.87 -42.90 24.95
N ASN A 428 -10.96 -43.86 25.03
CA ASN A 428 -9.79 -43.67 25.88
C ASN A 428 -8.63 -43.07 25.08
N TYR A 429 -7.72 -42.44 25.80
CA TYR A 429 -6.57 -41.82 25.16
C TYR A 429 -5.39 -41.93 26.11
N SER A 430 -4.21 -41.98 25.54
CA SER A 430 -2.97 -42.10 26.31
C SER A 430 -2.49 -40.75 26.78
N MET A 431 -1.96 -40.69 28.01
CA MET A 431 -1.32 -39.49 28.50
C MET A 431 0.19 -39.46 28.24
N THR A 432 0.78 -40.50 27.68
CA THR A 432 2.24 -40.58 27.58
C THR A 432 2.74 -40.32 26.16
N GLU A 433 1.87 -39.90 25.27
CA GLU A 433 2.21 -39.59 23.89
C GLU A 433 1.69 -38.19 23.56
N ILE A 434 2.51 -37.40 22.87
CA ILE A 434 2.18 -36.04 22.45
C ILE A 434 2.07 -36.03 20.93
N LEU A 435 0.99 -35.44 20.39
CA LEU A 435 -0.24 -34.93 21.02
C LEU A 435 -1.16 -36.09 21.40
N ALA A 436 -2.11 -35.86 22.32
CA ALA A 436 -3.02 -36.91 22.75
C ALA A 436 -4.31 -36.86 21.93
N ARG A 437 -4.89 -38.03 21.65
CA ARG A 437 -6.25 -38.17 21.12
C ARG A 437 -6.67 -39.64 21.24
N PRO A 438 -7.97 -39.91 21.25
CA PRO A 438 -8.39 -41.32 21.15
C PRO A 438 -7.75 -41.96 19.93
N LYS A 439 -7.30 -43.20 20.10
CA LYS A 439 -6.49 -43.85 19.07
C LYS A 439 -7.23 -43.94 17.76
N SER A 440 -8.55 -44.20 17.83
CA SER A 440 -9.31 -44.37 16.60
C SER A 440 -9.63 -43.06 15.91
N GLY A 441 -9.45 -41.93 16.58
CA GLY A 441 -9.97 -40.66 16.10
C GLY A 441 -11.42 -40.38 16.46
N VAL A 442 -12.10 -41.34 17.10
CA VAL A 442 -13.52 -41.33 17.49
C VAL A 442 -14.41 -41.62 16.29
N ARG A 443 -14.88 -42.86 16.20
CA ARG A 443 -15.74 -43.24 15.11
C ARG A 443 -17.16 -42.78 15.37
N VAL A 444 -17.84 -42.35 14.31
CA VAL A 444 -19.16 -41.76 14.40
C VAL A 444 -19.97 -42.15 13.17
N THR A 445 -21.28 -42.17 13.32
CA THR A 445 -22.16 -42.23 12.16
C THR A 445 -23.38 -41.37 12.44
N VAL A 446 -24.08 -40.97 11.37
CA VAL A 446 -25.29 -40.18 11.49
C VAL A 446 -26.45 -41.03 11.03
N ALA A 447 -27.47 -41.16 11.89
CA ALA A 447 -28.63 -41.96 11.53
C ALA A 447 -29.34 -41.33 10.35
N SER A 448 -29.76 -42.17 9.41
CA SER A 448 -30.48 -41.72 8.24
C SER A 448 -31.60 -42.71 7.95
N SER A 449 -32.68 -42.22 7.37
CA SER A 449 -33.79 -43.06 6.95
C SER A 449 -33.58 -43.53 5.51
N PRO B 30 -25.87 10.47 2.21
CA PRO B 30 -24.90 9.84 1.30
C PRO B 30 -23.84 9.04 2.08
N ARG B 31 -23.71 7.76 1.74
CA ARG B 31 -22.96 6.83 2.60
C ARG B 31 -22.31 5.75 1.76
N VAL B 32 -21.09 5.39 2.14
CA VAL B 32 -20.40 4.21 1.61
C VAL B 32 -20.53 3.10 2.64
N SER B 33 -21.00 1.93 2.20
CA SER B 33 -21.27 0.87 3.16
C SER B 33 -20.01 0.08 3.51
N GLY B 34 -20.03 -0.56 4.68
CA GLY B 34 -18.95 -1.39 5.15
C GLY B 34 -17.85 -0.60 5.83
N ASP B 35 -16.95 -1.33 6.50
CA ASP B 35 -15.84 -0.70 7.20
C ASP B 35 -14.71 -0.44 6.22
N ARG B 36 -14.30 0.83 6.09
CA ARG B 36 -13.34 1.23 5.07
C ARG B 36 -12.00 1.64 5.66
N THR B 37 -11.69 1.21 6.88
CA THR B 37 -10.41 1.59 7.50
C THR B 37 -9.24 1.26 6.59
N ILE B 38 -9.25 0.07 5.97
CA ILE B 38 -8.10 -0.35 5.15
C ILE B 38 -7.97 0.56 3.94
N GLN B 39 -9.08 1.11 3.46
CA GLN B 39 -9.01 1.99 2.31
C GLN B 39 -8.25 3.28 2.63
N PHE B 40 -8.36 3.79 3.86
CA PHE B 40 -7.57 4.95 4.24
C PHE B 40 -6.09 4.68 4.04
N LEU B 41 -5.67 3.44 4.24
CA LEU B 41 -4.26 3.12 4.07
C LEU B 41 -3.91 2.92 2.60
N THR B 42 -4.81 2.33 1.82
CA THR B 42 -4.45 2.07 0.43
C THR B 42 -4.69 3.28 -0.48
N ASP B 43 -5.54 4.23 -0.11
CA ASP B 43 -5.84 5.38 -0.97
C ASP B 43 -5.08 6.63 -0.59
N GLY B 44 -4.60 6.75 0.64
CA GLY B 44 -3.88 7.95 1.03
C GLY B 44 -4.68 9.23 0.76
N TYR B 45 -4.06 10.18 0.07
CA TYR B 45 -4.71 11.46 -0.23
C TYR B 45 -5.92 11.32 -1.15
N LEU B 46 -6.05 10.20 -1.86
CA LEU B 46 -7.20 9.96 -2.73
C LEU B 46 -8.45 9.51 -1.97
N LEU B 47 -8.33 9.22 -0.67
CA LEU B 47 -9.46 8.61 0.05
C LEU B 47 -10.74 9.45 -0.04
N PRO B 48 -10.75 10.75 0.30
CA PRO B 48 -12.03 11.49 0.30
C PRO B 48 -12.68 11.59 -1.07
N SER B 49 -11.92 11.89 -2.13
CA SER B 49 -12.57 12.00 -3.44
C SER B 49 -13.05 10.63 -3.92
N ASN B 50 -12.36 9.54 -3.55
CA ASN B 50 -12.85 8.20 -3.86
C ASN B 50 -14.18 7.93 -3.18
N LEU B 51 -14.24 8.21 -1.88
CA LEU B 51 -15.46 7.91 -1.14
C LEU B 51 -16.63 8.76 -1.64
N ARG B 52 -16.40 10.05 -1.94
CA ARG B 52 -17.48 10.86 -2.49
C ARG B 52 -17.95 10.27 -3.82
N LYS B 53 -17.02 9.78 -4.63
CA LYS B 53 -17.41 9.16 -5.90
C LYS B 53 -18.26 7.91 -5.65
N THR B 54 -17.76 7.01 -4.82
CA THR B 54 -18.49 5.77 -4.52
C THR B 54 -19.87 6.07 -3.92
N ALA B 55 -19.98 7.12 -3.10
CA ALA B 55 -21.29 7.47 -2.54
C ALA B 55 -22.26 8.04 -3.57
N GLY B 56 -21.85 8.22 -4.82
CA GLY B 56 -22.71 8.73 -5.86
C GLY B 56 -22.82 10.23 -5.96
N LEU B 57 -21.98 10.98 -5.24
CA LEU B 57 -22.02 12.44 -5.31
C LEU B 57 -21.37 12.95 -6.60
N GLU B 58 -21.82 14.12 -7.04
CA GLU B 58 -21.19 14.69 -8.22
C GLU B 58 -19.85 15.30 -7.88
N PRO B 59 -18.94 15.39 -8.86
CA PRO B 59 -17.69 16.13 -8.63
C PRO B 59 -18.01 17.52 -8.15
N GLU B 60 -17.21 17.98 -7.20
CA GLU B 60 -17.28 19.30 -6.58
C GLU B 60 -18.45 19.43 -5.60
N SER B 61 -19.16 18.35 -5.30
CA SER B 61 -20.21 18.39 -4.28
C SER B 61 -19.67 18.83 -2.91
N MET B 62 -20.43 19.67 -2.21
CA MET B 62 -20.11 20.04 -0.84
C MET B 62 -20.89 19.24 0.20
N CYS B 63 -21.63 18.21 -0.23
CA CYS B 63 -22.32 17.33 0.71
C CYS B 63 -21.34 16.42 1.44
N PRO B 64 -21.65 16.09 2.70
CA PRO B 64 -20.80 15.17 3.44
C PRO B 64 -20.96 13.75 2.91
N VAL B 65 -19.99 12.91 3.27
CA VAL B 65 -20.08 11.49 2.95
C VAL B 65 -19.68 10.74 4.21
N THR B 66 -20.45 9.72 4.56
CA THR B 66 -20.25 9.00 5.82
C THR B 66 -19.88 7.57 5.51
N THR B 67 -18.87 7.06 6.21
CA THR B 67 -18.48 5.67 6.12
C THR B 67 -18.06 5.19 7.51
N LYS B 68 -17.60 3.94 7.58
CA LYS B 68 -17.16 3.34 8.83
C LYS B 68 -15.64 3.35 8.88
N LEU B 69 -15.09 3.81 10.00
CA LEU B 69 -13.64 3.88 10.18
C LEU B 69 -13.30 3.57 11.63
N LEU B 70 -12.37 2.63 11.81
CA LEU B 70 -11.98 2.15 13.14
C LEU B 70 -13.19 1.75 13.97
N GLY B 71 -14.19 1.17 13.31
CA GLY B 71 -15.35 0.62 13.98
C GLY B 71 -16.48 1.59 14.28
N GLN B 72 -16.34 2.86 13.92
CA GLN B 72 -17.38 3.85 14.19
C GLN B 72 -17.64 4.68 12.94
N ASP B 73 -18.77 5.39 12.94
CA ASP B 73 -19.07 6.28 11.83
C ASP B 73 -18.01 7.38 11.73
N ALA B 74 -17.79 7.83 10.50
CA ALA B 74 -16.94 8.99 10.24
C ALA B 74 -17.54 9.71 9.04
N THR B 75 -17.85 10.98 9.23
CA THR B 75 -18.41 11.80 8.19
C THR B 75 -17.32 12.75 7.70
N ILE B 76 -17.11 12.77 6.40
CA ILE B 76 -16.04 13.56 5.79
C ILE B 76 -16.65 14.81 5.18
N VAL B 77 -16.10 15.97 5.54
CA VAL B 77 -16.63 17.26 5.09
C VAL B 77 -15.47 18.08 4.52
N ARG B 78 -15.81 19.05 3.67
CA ARG B 78 -14.77 19.94 3.12
C ARG B 78 -15.40 21.30 2.81
N GLY B 79 -14.54 22.28 2.51
CA GLY B 79 -15.02 23.62 2.20
C GLY B 79 -15.33 24.45 3.45
N SER B 80 -15.82 25.67 3.21
CA SER B 80 -15.97 26.63 4.30
C SER B 80 -16.94 26.15 5.37
N ALA B 81 -18.09 25.59 4.97
CA ALA B 81 -19.06 25.12 5.96
C ALA B 81 -18.50 23.97 6.80
N GLY B 82 -17.75 23.06 6.17
CA GLY B 82 -17.10 22.00 6.92
C GLY B 82 -16.04 22.52 7.88
N ILE B 83 -15.33 23.58 7.47
CA ILE B 83 -14.37 24.20 8.40
C ILE B 83 -15.10 24.71 9.64
N ASP B 84 -16.24 25.39 9.44
CA ASP B 84 -16.97 25.92 10.59
C ASP B 84 -17.44 24.80 11.52
N LEU B 85 -17.94 23.70 10.95
CA LEU B 85 -18.31 22.55 11.77
C LEU B 85 -17.11 22.01 12.52
N PHE B 86 -16.03 21.71 11.79
CA PHE B 86 -14.88 21.06 12.37
C PHE B 86 -14.30 21.85 13.55
N TYR B 87 -14.28 23.19 13.46
CA TYR B 87 -13.66 24.00 14.50
C TYR B 87 -14.66 24.56 15.50
N ASP B 88 -15.87 24.02 15.54
CA ASP B 88 -16.88 24.46 16.52
C ASP B 88 -16.67 23.64 17.80
N GLU B 89 -15.97 24.21 18.77
CA GLU B 89 -15.65 23.41 19.95
C GLU B 89 -16.87 23.17 20.85
N ASP B 90 -18.03 23.75 20.52
CA ASP B 90 -19.27 23.38 21.22
C ASP B 90 -19.74 21.99 20.84
N VAL B 91 -19.38 21.51 19.66
CA VAL B 91 -19.81 20.19 19.21
C VAL B 91 -18.66 19.26 18.86
N MET B 92 -17.42 19.75 18.78
CA MET B 92 -16.28 18.91 18.39
C MET B 92 -15.24 18.87 19.50
N GLN B 93 -14.72 17.67 19.77
CA GLN B 93 -13.57 17.49 20.65
C GLN B 93 -12.45 16.77 19.91
N ARG B 94 -11.23 16.86 20.46
CA ARG B 94 -10.10 16.18 19.85
C ARG B 94 -9.62 14.94 20.60
N GLU B 95 -9.94 14.79 21.88
CA GLU B 95 -9.48 13.62 22.62
C GLU B 95 -10.02 12.33 21.99
N GLY B 96 -9.13 11.41 21.70
CA GLY B 96 -9.52 10.17 21.06
C GLY B 96 -9.77 10.26 19.56
N ALA B 97 -9.73 11.45 18.95
CA ALA B 97 -10.09 11.55 17.55
C ALA B 97 -9.04 10.91 16.65
N MET B 98 -7.79 11.23 16.89
CA MET B 98 -6.69 10.69 16.09
C MET B 98 -6.35 9.29 16.57
N PRO B 99 -6.25 8.31 15.67
CA PRO B 99 -5.82 6.95 16.08
C PRO B 99 -4.43 6.97 16.69
N PRO B 100 -4.23 6.37 17.87
CA PRO B 100 -2.90 6.40 18.50
C PRO B 100 -1.75 5.89 17.64
N VAL B 101 -1.97 4.94 16.73
CA VAL B 101 -0.84 4.46 15.95
C VAL B 101 -0.25 5.59 15.09
N ILE B 102 -1.04 6.62 14.76
CA ILE B 102 -0.52 7.83 14.12
C ILE B 102 -0.09 8.83 15.18
N GLY B 103 -1.03 9.22 16.04
CA GLY B 103 -0.77 10.35 16.92
C GLY B 103 0.35 10.10 17.89
N ASP B 104 0.41 8.89 18.47
CA ASP B 104 1.44 8.64 19.48
C ASP B 104 2.83 8.66 18.86
N ALA B 105 2.93 8.33 17.58
CA ALA B 105 4.20 8.45 16.90
C ALA B 105 4.49 9.89 16.51
N LEU B 106 3.53 10.56 15.86
CA LEU B 106 3.79 11.86 15.24
C LEU B 106 3.94 12.96 16.29
N VAL B 107 2.97 13.11 17.19
CA VAL B 107 2.99 14.22 18.13
C VAL B 107 3.33 13.80 19.56
N GLY B 108 3.24 12.52 19.89
CA GLY B 108 3.57 12.04 21.22
C GLY B 108 2.35 12.00 22.14
N LYS B 109 2.48 11.20 23.20
CA LYS B 109 1.42 11.03 24.18
C LYS B 109 1.23 12.30 25.01
N GLY B 110 -0.03 12.61 25.31
CA GLY B 110 -0.36 13.78 26.09
C GLY B 110 -0.10 15.12 25.44
N ALA B 111 0.17 15.16 24.14
CA ALA B 111 0.46 16.44 23.51
C ALA B 111 -0.79 17.31 23.39
N VAL B 112 -0.56 18.59 23.09
CA VAL B 112 -1.62 19.60 23.02
C VAL B 112 -2.70 19.21 22.01
N HIS B 113 -2.32 18.45 20.96
CA HIS B 113 -3.29 18.06 19.93
C HIS B 113 -4.47 17.29 20.52
N ASN B 114 -4.26 16.53 21.59
CA ASN B 114 -5.32 15.71 22.16
C ASN B 114 -6.08 16.38 23.28
N LEU B 115 -5.78 17.63 23.62
CA LEU B 115 -6.41 18.29 24.75
C LEU B 115 -7.68 19.03 24.33
N ASP B 116 -8.64 19.12 25.25
CA ASP B 116 -9.87 19.86 25.02
C ASP B 116 -10.08 20.86 26.17
N GLY B 117 -11.03 21.75 25.97
CA GLY B 117 -11.41 22.73 26.98
C GLY B 117 -10.27 23.57 27.52
N GLU B 118 -10.33 23.82 28.83
CA GLU B 118 -9.43 24.78 29.45
C GLU B 118 -7.99 24.28 29.46
N GLU B 119 -7.76 22.98 29.64
CA GLU B 119 -6.38 22.53 29.60
C GLU B 119 -5.78 22.77 28.22
N HIS B 120 -6.57 22.59 27.15
CA HIS B 120 -6.02 22.86 25.83
C HIS B 120 -5.69 24.34 25.66
N LYS B 121 -6.65 25.21 25.99
CA LYS B 121 -6.46 26.66 25.91
C LYS B 121 -5.19 27.11 26.65
N VAL B 122 -4.97 26.60 27.87
CA VAL B 122 -3.80 26.98 28.64
C VAL B 122 -2.53 26.41 28.03
N ARG B 123 -2.58 25.18 27.54
CA ARG B 123 -1.40 24.61 26.89
C ARG B 123 -1.12 25.31 25.56
N LYS B 124 -2.17 25.55 24.76
CA LYS B 124 -1.98 26.19 23.46
C LYS B 124 -1.48 27.61 23.60
N ALA B 125 -1.94 28.33 24.64
CA ALA B 125 -1.45 29.69 24.87
C ALA B 125 0.05 29.71 25.06
N GLN B 126 0.60 28.74 25.78
CA GLN B 126 2.03 28.75 26.01
C GLN B 126 2.81 28.32 24.78
N MET B 127 2.23 27.47 23.93
CA MET B 127 2.97 27.09 22.73
C MET B 127 2.84 28.13 21.62
N ALA B 128 1.68 28.78 21.49
CA ALA B 128 1.55 29.88 20.53
C ALA B 128 2.41 31.07 20.93
N ALA B 129 2.54 31.32 22.24
CA ALA B 129 3.45 32.37 22.69
C ALA B 129 4.86 32.17 22.14
N MET B 130 5.29 30.92 21.92
CA MET B 130 6.62 30.63 21.37
C MET B 130 6.67 30.68 19.84
N ALA B 131 5.74 30.00 19.17
CA ALA B 131 5.81 29.85 17.71
C ALA B 131 5.13 30.98 16.96
N TYR B 132 4.06 31.56 17.50
CA TYR B 132 3.19 32.45 16.73
C TYR B 132 3.49 33.93 16.91
N GLU B 133 4.25 34.33 17.93
CA GLU B 133 4.50 35.75 18.14
C GLU B 133 5.50 36.30 17.12
N ASP B 134 5.20 37.50 16.59
CA ASP B 134 6.00 38.05 15.49
C ASP B 134 7.45 38.23 15.90
N GLU B 135 7.68 38.60 17.16
CA GLU B 135 9.06 38.85 17.61
C GLU B 135 9.88 37.56 17.59
N ARG B 136 9.25 36.45 17.94
CA ARG B 136 9.98 35.20 17.94
C ARG B 136 10.16 34.65 16.53
N VAL B 137 9.21 34.94 15.63
CA VAL B 137 9.38 34.60 14.22
C VAL B 137 10.55 35.36 13.62
N ALA B 138 10.71 36.63 14.02
CA ALA B 138 11.85 37.41 13.54
C ALA B 138 13.18 36.87 14.07
N GLU B 139 13.20 36.23 15.23
CA GLU B 139 14.46 35.57 15.62
C GLU B 139 14.74 34.37 14.71
N PHE B 140 13.69 33.66 14.29
CA PHE B 140 13.87 32.46 13.47
C PHE B 140 14.40 32.81 12.08
N ALA B 141 13.92 33.90 11.49
CA ALA B 141 14.21 34.25 10.10
C ALA B 141 15.69 34.23 9.72
N PRO B 142 16.58 34.95 10.41
CA PRO B 142 17.99 34.92 9.97
C PRO B 142 18.63 33.56 10.23
N LEU B 143 18.15 32.82 11.22
CA LEU B 143 18.74 31.51 11.46
C LEU B 143 18.42 30.55 10.33
N VAL B 144 17.16 30.54 9.84
CA VAL B 144 16.85 29.61 8.77
C VAL B 144 17.48 30.08 7.46
N ALA B 145 17.58 31.40 7.23
CA ALA B 145 18.33 31.84 6.06
C ALA B 145 19.77 31.32 6.12
N GLU B 146 20.41 31.40 7.30
CA GLU B 146 21.80 30.98 7.45
C GLU B 146 21.96 29.48 7.16
N GLU B 147 21.06 28.66 7.68
CA GLU B 147 21.21 27.21 7.53
C GLU B 147 20.87 26.78 6.12
N VAL B 148 19.89 27.43 5.49
CA VAL B 148 19.59 27.14 4.09
C VAL B 148 20.77 27.49 3.21
N GLU B 149 21.40 28.66 3.45
CA GLU B 149 22.57 29.03 2.67
C GLU B 149 23.69 28.03 2.86
N ARG B 150 23.84 27.51 4.07
CA ARG B 150 24.88 26.51 4.33
C ARG B 150 24.60 25.22 3.56
N ALA B 151 23.34 24.78 3.50
CA ALA B 151 23.02 23.57 2.75
C ALA B 151 23.26 23.77 1.26
N VAL B 152 22.87 24.93 0.73
CA VAL B 152 23.05 25.16 -0.70
C VAL B 152 24.52 25.25 -1.04
N ALA B 153 25.34 25.86 -0.17
CA ALA B 153 26.78 25.89 -0.39
C ALA B 153 27.33 24.48 -0.51
N GLY B 154 26.82 23.54 0.29
CA GLY B 154 27.30 22.17 0.20
C GLY B 154 26.94 21.44 -1.09
N TRP B 155 26.08 22.03 -1.92
CA TRP B 155 25.74 21.44 -3.21
C TRP B 155 26.72 21.82 -4.31
N GLU B 156 27.64 22.75 -4.05
CA GLU B 156 28.59 23.20 -5.07
C GLU B 156 29.47 22.05 -5.54
N GLY B 157 29.28 21.66 -6.80
CA GLY B 157 30.02 20.53 -7.35
C GLY B 157 29.75 19.21 -6.65
N ALA B 158 28.59 19.06 -6.03
CA ALA B 158 28.25 17.84 -5.31
C ALA B 158 26.79 17.50 -5.60
N GLN B 159 26.38 16.29 -5.25
CA GLN B 159 25.00 15.91 -5.47
C GLN B 159 24.24 16.13 -4.17
N GLY B 160 23.27 17.03 -4.22
CA GLY B 160 22.46 17.34 -3.07
C GLY B 160 21.08 16.73 -3.18
N ASN B 161 20.30 16.91 -2.12
CA ASN B 161 18.98 16.31 -1.98
C ASN B 161 18.12 17.34 -1.28
N VAL B 162 17.11 17.88 -1.96
CA VAL B 162 16.35 18.97 -1.35
C VAL B 162 15.71 18.50 -0.04
N PHE B 163 15.01 17.36 -0.09
CA PHE B 163 14.31 16.90 1.11
C PHE B 163 15.27 16.65 2.27
N GLU B 164 16.34 15.87 2.04
CA GLU B 164 17.24 15.54 3.15
C GLU B 164 17.97 16.78 3.66
N ASP B 165 18.54 17.55 2.74
CA ASP B 165 19.45 18.63 3.12
C ASP B 165 18.69 19.83 3.65
N LEU B 166 17.51 20.16 3.11
CA LEU B 166 16.83 21.31 3.69
C LEU B 166 16.06 20.94 4.96
N SER B 167 15.57 19.70 5.07
CA SER B 167 15.02 19.26 6.35
C SER B 167 16.08 19.36 7.45
N LEU B 168 17.30 18.94 7.16
CA LEU B 168 18.39 19.09 8.11
C LEU B 168 18.64 20.58 8.40
N ALA B 169 18.68 21.40 7.35
CA ALA B 169 18.84 22.85 7.53
C ALA B 169 17.74 23.43 8.42
N PHE B 170 16.49 23.05 8.17
CA PHE B 170 15.39 23.55 8.99
C PHE B 170 15.54 23.11 10.45
N GLY B 171 15.97 21.86 10.67
CA GLY B 171 16.09 21.38 12.04
C GLY B 171 17.21 22.08 12.80
N ARG B 172 18.35 22.29 12.13
CA ARG B 172 19.44 23.07 12.72
C ARG B 172 18.94 24.44 13.13
N ALA B 173 18.19 25.10 12.25
CA ALA B 173 17.66 26.42 12.57
C ALA B 173 16.70 26.35 13.75
N ALA B 174 15.82 25.33 13.77
CA ALA B 174 14.85 25.20 14.86
C ALA B 174 15.56 25.01 16.20
N PHE B 175 16.61 24.18 16.23
CA PHE B 175 17.31 23.94 17.49
C PHE B 175 17.97 25.21 18.01
N ARG B 176 18.70 25.91 17.14
CA ARG B 176 19.31 27.18 17.55
C ARG B 176 18.25 28.18 17.98
N TRP B 177 17.20 28.35 17.16
CA TRP B 177 16.11 29.23 17.51
C TRP B 177 15.53 28.90 18.88
N ALA B 178 15.35 27.62 19.20
CA ALA B 178 14.67 27.25 20.43
C ALA B 178 15.56 27.37 21.67
N GLY B 179 16.86 27.63 21.50
CA GLY B 179 17.80 27.62 22.61
C GLY B 179 18.27 26.24 23.03
N ILE B 180 18.24 25.26 22.12
CA ILE B 180 18.77 23.94 22.38
C ILE B 180 20.24 23.97 22.01
N ASP B 181 21.10 24.00 23.02
CA ASP B 181 22.54 24.18 22.82
C ASP B 181 23.23 22.84 22.96
N LEU B 182 23.60 22.23 21.84
CA LEU B 182 24.23 20.93 21.78
C LEU B 182 25.37 20.97 20.75
N PRO B 183 26.33 20.04 20.86
CA PRO B 183 27.33 19.93 19.80
C PRO B 183 26.66 19.68 18.45
N ALA B 184 27.35 20.11 17.39
CA ALA B 184 26.81 19.99 16.04
C ALA B 184 26.42 18.55 15.71
N GLU B 185 27.26 17.58 16.08
CA GLU B 185 26.96 16.19 15.76
C GLU B 185 25.70 15.70 16.49
N ASN B 186 25.52 16.10 17.76
CA ASN B 186 24.33 15.67 18.47
C ASN B 186 23.08 16.26 17.84
N THR B 187 23.16 17.53 17.45
CA THR B 187 22.02 18.20 16.82
C THR B 187 21.64 17.48 15.54
N ASP B 188 22.63 17.22 14.68
CA ASP B 188 22.34 16.59 13.40
C ASP B 188 21.75 15.20 13.59
N GLU B 189 22.20 14.47 14.63
CA GLU B 189 21.66 13.14 14.88
C GLU B 189 20.21 13.21 15.32
N LEU B 190 19.90 14.14 16.22
CA LEU B 190 18.53 14.27 16.69
C LEU B 190 17.61 14.76 15.58
N VAL B 191 18.06 15.73 14.79
CA VAL B 191 17.25 16.16 13.65
C VAL B 191 17.01 15.00 12.70
N GLY B 192 18.03 14.16 12.51
CA GLY B 192 17.89 13.00 11.65
C GLY B 192 16.90 11.97 12.19
N ARG B 193 16.78 11.85 13.51
CA ARG B 193 15.71 11.01 14.07
C ARG B 193 14.34 11.57 13.72
N MET B 194 14.19 12.90 13.81
CA MET B 194 12.92 13.54 13.44
C MET B 194 12.58 13.29 11.97
N ILE B 195 13.55 13.43 11.08
CA ILE B 195 13.31 13.16 9.66
C ILE B 195 12.85 11.72 9.48
N THR B 196 13.57 10.78 10.11
CA THR B 196 13.18 9.37 10.01
C THR B 196 11.76 9.17 10.52
N LEU B 197 11.44 9.79 11.66
CA LEU B 197 10.07 9.70 12.17
C LEU B 197 9.06 10.24 11.16
N LEU B 198 9.29 11.45 10.65
CA LEU B 198 8.33 12.09 9.73
C LEU B 198 8.18 11.30 8.43
N ASP B 199 9.23 10.60 8.00
CA ASP B 199 9.24 9.89 6.75
C ASP B 199 8.66 8.48 6.84
N ASN B 200 8.25 8.04 8.03
CA ASN B 200 7.83 6.66 8.21
C ASN B 200 6.55 6.48 9.02
N PHE B 201 6.05 7.49 9.73
CA PHE B 201 4.91 7.29 10.61
C PHE B 201 3.63 6.93 9.87
N GLY B 202 3.52 7.24 8.58
CA GLY B 202 2.24 7.11 7.92
C GLY B 202 1.96 5.82 7.19
N THR B 203 2.89 4.86 7.18
CA THR B 203 2.72 3.60 6.45
C THR B 203 2.79 2.41 7.40
N ALA B 204 2.15 1.31 7.00
CA ALA B 204 2.24 0.07 7.77
C ALA B 204 3.68 -0.40 7.86
N THR B 205 4.40 -0.27 6.76
CA THR B 205 5.80 -0.68 6.70
C THR B 205 6.67 0.10 7.66
N GLY B 206 6.46 1.41 7.75
CA GLY B 206 7.40 2.27 8.46
C GLY B 206 7.04 2.61 9.88
N THR B 207 5.82 2.30 10.33
CA THR B 207 5.44 2.72 11.67
C THR B 207 6.36 2.18 12.76
N PRO B 208 6.94 0.97 12.69
CA PRO B 208 7.88 0.58 13.76
C PRO B 208 9.09 1.50 13.86
N LYS B 209 9.68 1.88 12.72
CA LYS B 209 10.79 2.84 12.74
C LYS B 209 10.37 4.15 13.35
N ALA B 210 9.15 4.61 13.05
CA ALA B 210 8.72 5.87 13.62
C ALA B 210 8.59 5.77 15.14
N PHE B 211 8.01 4.67 15.64
CA PHE B 211 7.90 4.53 17.10
C PHE B 211 9.26 4.36 17.75
N TRP B 212 10.20 3.69 17.08
CA TRP B 212 11.54 3.59 17.63
C TRP B 212 12.13 4.98 17.85
N GLN B 213 12.04 5.84 16.83
CA GLN B 213 12.60 7.18 16.96
C GLN B 213 11.81 8.01 17.95
N ARG B 214 10.48 7.84 18.00
CA ARG B 214 9.67 8.54 18.98
C ARG B 214 10.14 8.23 20.40
N ARG B 215 10.39 6.96 20.69
CA ARG B 215 10.84 6.58 22.02
C ARG B 215 12.20 7.22 22.35
N GLN B 216 13.13 7.18 21.39
CA GLN B 216 14.45 7.78 21.64
C GLN B 216 14.35 9.28 21.86
N LEU B 217 13.55 9.98 21.04
CA LEU B 217 13.43 11.42 21.15
C LEU B 217 12.77 11.85 22.45
N ASP B 218 11.72 11.13 22.86
CA ASP B 218 11.04 11.41 24.13
C ASP B 218 11.99 11.24 25.31
N ASN B 219 12.86 10.22 25.26
CA ASN B 219 13.86 10.05 26.31
C ASN B 219 14.84 11.21 26.33
N TRP B 220 15.35 11.59 25.16
CA TRP B 220 16.30 12.71 25.10
C TRP B 220 15.66 14.00 25.59
N ALA B 221 14.44 14.29 25.14
CA ALA B 221 13.82 15.57 25.48
C ALA B 221 13.47 15.62 26.97
N GLU B 222 13.00 14.50 27.53
CA GLU B 222 12.71 14.45 28.96
C GLU B 222 13.97 14.72 29.79
N ALA B 223 15.08 14.06 29.43
CA ALA B 223 16.32 14.29 30.16
C ALA B 223 16.75 15.75 30.05
N LEU B 224 16.53 16.39 28.90
CA LEU B 224 16.93 17.78 28.75
C LEU B 224 16.06 18.69 29.60
N ILE B 225 14.75 18.44 29.62
CA ILE B 225 13.86 19.24 30.46
C ILE B 225 14.24 19.07 31.94
N THR B 226 14.50 17.83 32.37
CA THR B 226 14.87 17.61 33.76
C THR B 226 16.19 18.29 34.10
N ASP B 227 17.16 18.23 33.19
CA ASP B 227 18.43 18.90 33.43
C ASP B 227 18.25 20.40 33.60
N VAL B 228 17.33 21.00 32.85
CA VAL B 228 17.09 22.43 33.00
C VAL B 228 16.42 22.71 34.35
N ARG B 229 15.40 21.92 34.70
CA ARG B 229 14.66 22.18 35.92
C ARG B 229 15.51 21.96 37.17
N GLU B 230 16.47 21.04 37.10
CA GLU B 230 17.34 20.75 38.25
C GLU B 230 18.63 21.54 38.24
N GLY B 231 18.82 22.46 37.30
CA GLY B 231 19.96 23.35 37.31
C GLY B 231 21.21 22.82 36.63
N ARG B 232 21.20 21.58 36.13
CA ARG B 232 22.40 21.06 35.48
C ARG B 232 22.68 21.73 34.15
N ILE B 233 21.63 22.09 33.40
CA ILE B 233 21.75 22.89 32.18
C ILE B 233 20.99 24.19 32.40
N THR B 234 21.57 25.31 31.98
CA THR B 234 20.92 26.60 32.07
C THR B 234 20.50 27.04 30.68
N ALA B 235 19.20 27.14 30.45
CA ALA B 235 18.68 27.65 29.19
C ALA B 235 18.86 29.16 29.10
N ARG B 236 19.16 29.64 27.90
CA ARG B 236 19.18 31.06 27.63
C ARG B 236 17.89 31.69 28.16
N PRO B 237 17.96 32.78 28.93
CA PRO B 237 16.73 33.35 29.48
C PRO B 237 15.75 33.71 28.36
N ASP B 238 14.48 33.40 28.60
CA ASP B 238 13.36 33.68 27.70
C ASP B 238 13.35 32.86 26.41
N CYS B 239 14.21 31.84 26.29
CA CYS B 239 14.21 31.03 25.08
C CYS B 239 13.09 29.99 25.13
N VAL B 240 12.85 29.33 23.99
CA VAL B 240 11.78 28.34 23.90
C VAL B 240 12.01 27.20 24.90
N LEU B 241 13.26 26.75 25.00
CA LEU B 241 13.60 25.67 25.93
C LEU B 241 13.21 26.04 27.36
N GLU B 242 13.61 27.23 27.80
CA GLU B 242 13.24 27.70 29.13
C GLU B 242 11.73 27.63 29.32
N HIS B 243 10.96 28.15 28.36
CA HIS B 243 9.53 28.24 28.56
C HIS B 243 8.88 26.86 28.58
N MET B 244 9.45 25.88 27.85
CA MET B 244 8.93 24.52 27.95
C MET B 244 9.31 23.90 29.30
N ALA B 245 10.53 24.15 29.76
CA ALA B 245 10.88 23.72 31.12
C ALA B 245 9.91 24.30 32.14
N GLN B 246 9.40 25.52 31.89
CA GLN B 246 8.42 26.16 32.75
C GLN B 246 6.98 25.88 32.34
N LEU B 247 6.75 24.89 31.47
CA LEU B 247 5.38 24.57 31.05
C LEU B 247 4.53 24.21 32.25
N THR B 248 3.36 24.85 32.36
CA THR B 248 2.43 24.65 33.46
C THR B 248 1.05 24.37 32.92
N ASP B 249 0.22 23.74 33.75
CA ASP B 249 -1.14 23.44 33.38
C ASP B 249 -2.09 24.49 33.95
N ALA B 250 -3.40 24.22 33.83
CA ALA B 250 -4.43 25.19 34.18
C ALA B 250 -4.41 25.58 35.66
N SER B 251 -3.88 24.73 36.51
CA SER B 251 -3.80 25.00 37.94
C SER B 251 -2.49 25.65 38.35
N GLY B 252 -1.64 26.05 37.40
CA GLY B 252 -0.36 26.62 37.71
C GLY B 252 0.73 25.63 38.08
N GLU B 253 0.40 24.35 38.18
CA GLU B 253 1.39 23.31 38.45
C GLU B 253 2.21 23.00 37.20
N ARG B 254 3.48 22.65 37.40
CA ARG B 254 4.36 22.33 36.29
C ARG B 254 4.00 20.99 35.66
N VAL B 255 4.01 20.96 34.33
CA VAL B 255 3.74 19.72 33.61
C VAL B 255 4.92 18.76 33.77
N ASP B 256 4.62 17.46 33.84
CA ASP B 256 5.67 16.46 33.97
C ASP B 256 6.69 16.59 32.84
N ALA B 257 7.94 16.25 33.16
CA ALA B 257 9.07 16.54 32.28
C ALA B 257 8.97 15.86 30.91
N ARG B 258 8.40 14.66 30.83
CA ARG B 258 8.32 13.98 29.55
C ARG B 258 7.30 14.65 28.63
N THR B 259 6.17 15.08 29.17
CA THR B 259 5.20 15.84 28.40
C THR B 259 5.77 17.20 27.98
N ALA B 260 6.53 17.84 28.86
CA ALA B 260 7.19 19.08 28.46
C ALA B 260 8.20 18.84 27.35
N GLY B 261 8.91 17.72 27.40
CA GLY B 261 9.84 17.40 26.32
C GLY B 261 9.13 17.06 25.04
N ILE B 262 7.94 16.46 25.14
CA ILE B 262 7.12 16.22 23.96
C ILE B 262 6.69 17.54 23.32
N GLU B 263 6.31 18.53 24.13
CA GLU B 263 5.91 19.82 23.58
C GLU B 263 7.10 20.62 23.03
N LEU B 264 8.31 20.44 23.58
CA LEU B 264 9.49 21.01 22.93
C LEU B 264 9.70 20.39 21.54
N GLN B 265 9.46 19.08 21.41
CA GLN B 265 9.57 18.49 20.07
C GLN B 265 8.50 19.04 19.14
N ASN B 266 7.32 19.30 19.67
CA ASN B 266 6.23 19.85 18.87
C ASN B 266 6.48 21.30 18.47
N LEU B 267 7.59 21.90 18.91
CA LEU B 267 8.02 23.23 18.49
C LEU B 267 9.27 23.17 17.66
N THR B 268 9.75 21.97 17.32
CA THR B 268 10.98 21.83 16.57
C THR B 268 10.77 20.86 15.40
N ARG B 269 10.19 19.68 15.68
CA ARG B 269 9.99 18.68 14.64
C ARG B 269 9.10 19.18 13.50
N PRO B 270 8.00 19.91 13.75
CA PRO B 270 7.22 20.42 12.62
C PRO B 270 8.00 21.39 11.74
N THR B 271 9.02 22.08 12.30
CA THR B 271 9.86 22.91 11.45
C THR B 271 10.70 22.06 10.51
N VAL B 272 11.23 20.93 11.01
CA VAL B 272 11.90 19.95 10.15
C VAL B 272 10.97 19.51 9.02
N ALA B 273 9.69 19.31 9.35
CA ALA B 273 8.71 18.84 8.38
C ALA B 273 8.48 19.83 7.23
N VAL B 274 8.86 21.09 7.38
CA VAL B 274 8.76 21.97 6.21
C VAL B 274 9.57 21.42 5.04
N GLY B 275 10.53 20.53 5.31
CA GLY B 275 11.28 19.90 4.23
C GLY B 275 10.41 19.24 3.18
N PHE B 276 9.24 18.73 3.55
CA PHE B 276 8.32 18.18 2.55
C PHE B 276 7.86 19.25 1.57
N PHE B 277 7.41 20.40 2.10
CA PHE B 277 7.03 21.52 1.24
C PHE B 277 8.21 22.03 0.42
N ALA B 278 9.42 22.02 1.00
CA ALA B 278 10.58 22.52 0.26
C ALA B 278 10.93 21.60 -0.91
N SER B 279 10.73 20.29 -0.73
CA SER B 279 10.83 19.35 -1.85
C SER B 279 9.88 19.72 -2.97
N PHE B 280 8.61 19.94 -2.63
CA PHE B 280 7.63 20.28 -3.66
C PHE B 280 7.97 21.63 -4.30
N ALA B 281 8.44 22.59 -3.50
CA ALA B 281 8.78 23.87 -4.08
C ALA B 281 9.89 23.73 -5.12
N ALA B 282 10.84 22.79 -4.93
CA ALA B 282 11.86 22.62 -5.95
C ALA B 282 11.25 22.02 -7.21
N VAL B 283 10.28 21.12 -7.06
CA VAL B 283 9.57 20.62 -8.22
C VAL B 283 8.82 21.76 -8.91
N ALA B 284 8.14 22.60 -8.13
CA ALA B 284 7.36 23.69 -8.71
C ALA B 284 8.27 24.69 -9.41
N LEU B 285 9.45 24.96 -8.86
CA LEU B 285 10.37 25.87 -9.55
C LEU B 285 10.85 25.29 -10.87
N ALA B 286 11.11 23.98 -10.91
CA ALA B 286 11.49 23.35 -12.18
C ALA B 286 10.35 23.41 -13.18
N GLU B 287 9.11 23.36 -12.71
CA GLU B 287 7.93 23.38 -13.57
C GLU B 287 7.48 24.77 -13.96
N ASN B 288 8.01 25.82 -13.33
CA ASN B 288 7.53 27.19 -13.53
C ASN B 288 8.74 28.08 -13.67
N PRO B 289 9.46 27.99 -14.78
CA PRO B 289 10.69 28.77 -14.91
C PRO B 289 10.46 30.29 -14.92
N GLN B 290 9.30 30.75 -15.35
CA GLN B 290 9.08 32.19 -15.37
C GLN B 290 8.89 32.74 -13.96
N TRP B 291 8.25 31.96 -13.09
CA TRP B 291 8.15 32.43 -11.70
C TRP B 291 9.51 32.39 -11.06
N ARG B 292 10.31 31.41 -11.44
CA ARG B 292 11.67 31.32 -10.95
C ARG B 292 12.45 32.59 -11.32
N THR B 293 12.29 33.08 -12.55
CA THR B 293 12.94 34.32 -12.93
C THR B 293 12.43 35.52 -12.13
N ARG B 294 11.11 35.59 -11.94
CA ARG B 294 10.55 36.71 -11.21
C ARG B 294 11.07 36.75 -9.78
N ILE B 295 11.24 35.58 -9.16
CA ILE B 295 11.78 35.53 -7.80
C ILE B 295 13.23 35.99 -7.77
N ASN B 296 14.03 35.58 -8.77
CA ASN B 296 15.44 35.92 -8.79
C ASN B 296 15.67 37.41 -8.99
N GLU B 297 14.80 38.06 -9.75
CA GLU B 297 14.93 39.47 -10.08
C GLU B 297 14.28 40.39 -9.04
N SER B 298 13.59 39.82 -8.06
CA SER B 298 12.83 40.63 -7.11
C SER B 298 13.72 41.13 -6.00
N GLU B 299 13.40 42.33 -5.50
CA GLU B 299 14.00 42.81 -4.28
C GLU B 299 12.98 42.95 -3.15
N THR B 300 11.73 42.53 -3.36
CA THR B 300 10.69 42.68 -2.36
C THR B 300 10.40 41.41 -1.56
N GLY B 301 10.77 40.25 -2.07
CA GLY B 301 10.35 39.02 -1.46
C GLY B 301 8.88 38.66 -1.65
N ARG B 302 8.11 39.46 -2.40
CA ARG B 302 6.67 39.19 -2.48
C ARG B 302 6.38 37.97 -3.36
N GLU B 303 7.14 37.80 -4.44
CA GLU B 303 6.99 36.66 -5.35
C GLU B 303 7.35 35.35 -4.64
N ALA B 304 8.45 35.34 -3.89
CA ALA B 304 8.84 34.18 -3.09
C ALA B 304 7.78 33.82 -2.06
N PHE B 305 7.24 34.84 -1.36
CA PHE B 305 6.13 34.62 -0.43
C PHE B 305 4.92 33.99 -1.13
N ALA B 306 4.49 34.57 -2.26
CA ALA B 306 3.29 34.06 -2.95
C ALA B 306 3.52 32.65 -3.47
N PHE B 307 4.72 32.39 -3.98
CA PHE B 307 5.07 31.07 -4.48
C PHE B 307 5.06 30.04 -3.36
N ALA B 308 5.67 30.38 -2.22
CA ALA B 308 5.64 29.51 -1.05
C ALA B 308 4.22 29.21 -0.61
N GLN B 309 3.35 30.22 -0.61
CA GLN B 309 1.97 29.99 -0.20
C GLN B 309 1.25 29.08 -1.19
N GLU B 310 1.49 29.27 -2.49
CA GLU B 310 0.83 28.41 -3.45
C GLU B 310 1.39 26.99 -3.45
N VAL B 311 2.63 26.78 -3.01
CA VAL B 311 3.10 25.42 -2.75
C VAL B 311 2.26 24.78 -1.64
N ARG B 312 1.96 25.54 -0.58
CA ARG B 312 1.21 24.97 0.54
C ARG B 312 -0.24 24.74 0.15
N ARG B 313 -0.80 25.58 -0.73
CA ARG B 313 -2.15 25.30 -1.20
C ARG B 313 -2.17 24.08 -2.11
N PHE B 314 -1.21 23.98 -3.03
CA PHE B 314 -1.35 23.06 -4.16
C PHE B 314 -0.94 21.63 -3.82
N TYR B 315 0.12 21.47 -3.10
CA TYR B 315 0.72 20.15 -2.99
C TYR B 315 0.20 19.44 -1.76
N PRO B 316 0.12 18.11 -1.82
CA PRO B 316 -0.48 17.34 -0.70
C PRO B 316 0.49 17.25 0.48
N PHE B 317 -0.02 17.54 1.68
CA PHE B 317 0.75 17.35 2.89
C PHE B 317 -0.20 16.78 3.94
N VAL B 318 -1.09 17.60 4.47
CA VAL B 318 -2.12 17.06 5.37
C VAL B 318 -3.24 16.47 4.52
N PRO B 319 -3.53 15.18 4.62
CA PRO B 319 -4.65 14.65 3.82
C PRO B 319 -5.99 15.08 4.36
N MET B 320 -6.14 14.95 5.68
CA MET B 320 -7.41 15.11 6.36
C MET B 320 -7.08 15.14 7.84
N PHE B 321 -8.03 15.55 8.67
CA PHE B 321 -7.74 15.61 10.11
C PHE B 321 -9.02 15.30 10.87
N PRO B 322 -8.92 14.63 12.07
CA PRO B 322 -10.13 14.12 12.73
C PRO B 322 -10.52 14.87 13.99
N ALA B 323 -11.83 14.92 14.24
CA ALA B 323 -12.41 15.37 15.49
C ALA B 323 -13.52 14.39 15.86
N LYS B 324 -14.08 14.55 17.07
CA LYS B 324 -15.15 13.68 17.52
C LYS B 324 -16.30 14.54 18.03
N ALA B 325 -17.52 14.19 17.59
CA ALA B 325 -18.70 14.93 18.01
C ALA B 325 -18.96 14.73 19.50
N THR B 326 -19.10 15.84 20.24
CA THR B 326 -19.40 15.77 21.66
C THR B 326 -20.89 15.59 21.94
N LYS B 327 -21.75 15.95 21.00
CA LYS B 327 -23.18 15.72 21.13
C LYS B 327 -23.76 15.49 19.74
N ASP B 328 -25.03 15.08 19.71
CA ASP B 328 -25.74 14.99 18.43
C ASP B 328 -25.84 16.37 17.80
N THR B 329 -25.61 16.44 16.49
CA THR B 329 -25.73 17.71 15.78
C THR B 329 -26.07 17.41 14.32
N GLU B 330 -26.03 18.43 13.47
CA GLU B 330 -26.43 18.28 12.09
C GLU B 330 -25.53 19.12 11.21
N PHE B 331 -25.21 18.59 10.02
CA PHE B 331 -24.42 19.31 9.02
C PHE B 331 -25.10 19.16 7.68
N GLU B 332 -25.70 20.25 7.20
CA GLU B 332 -26.37 20.29 5.90
C GLU B 332 -27.36 19.13 5.75
N GLY B 333 -28.25 19.00 6.73
CA GLY B 333 -29.28 17.98 6.73
C GLY B 333 -28.80 16.59 7.05
N CYS B 334 -27.51 16.33 7.03
CA CYS B 334 -27.01 15.04 7.47
C CYS B 334 -26.92 15.02 9.00
N PRO B 335 -27.41 13.97 9.64
CA PRO B 335 -27.31 13.90 11.10
C PRO B 335 -25.92 13.43 11.51
N ILE B 336 -25.39 14.07 12.56
CA ILE B 336 -24.11 13.71 13.15
C ILE B 336 -24.39 13.30 14.59
N HIS B 337 -24.00 12.08 14.96
CA HIS B 337 -24.35 11.61 16.29
C HIS B 337 -23.14 11.62 17.21
N GLN B 338 -23.43 11.80 18.49
CA GLN B 338 -22.40 11.90 19.51
C GLN B 338 -21.47 10.68 19.44
N GLY B 339 -20.18 10.92 19.64
CA GLY B 339 -19.19 9.86 19.60
C GLY B 339 -18.57 9.58 18.24
N GLN B 340 -19.25 9.93 17.15
CA GLN B 340 -18.71 9.63 15.83
C GLN B 340 -17.62 10.63 15.45
N ARG B 341 -16.85 10.25 14.44
CA ARG B 341 -15.80 11.10 13.90
C ARG B 341 -16.34 12.05 12.84
N VAL B 342 -15.84 13.27 12.88
CA VAL B 342 -15.94 14.20 11.75
C VAL B 342 -14.53 14.42 11.23
N ILE B 343 -14.35 14.28 9.92
CA ILE B 343 -13.05 14.37 9.29
C ILE B 343 -13.08 15.53 8.31
N LEU B 344 -12.20 16.52 8.52
CA LEU B 344 -12.07 17.63 7.58
C LEU B 344 -11.11 17.24 6.46
N ASP B 345 -11.60 17.20 5.22
CA ASP B 345 -10.80 16.82 4.06
C ASP B 345 -9.99 18.05 3.63
N PHE B 346 -8.68 18.02 3.86
CA PHE B 346 -7.83 19.19 3.58
C PHE B 346 -7.60 19.33 2.07
N VAL B 347 -7.23 18.23 1.40
CA VAL B 347 -6.96 18.27 -0.03
C VAL B 347 -8.20 18.80 -0.77
N GLY B 348 -9.37 18.27 -0.41
CA GLY B 348 -10.61 18.67 -1.07
C GLY B 348 -11.04 20.09 -0.77
N THR B 349 -10.58 20.67 0.34
CA THR B 349 -10.85 22.09 0.60
C THR B 349 -9.91 22.99 -0.16
N LEU B 350 -8.61 22.63 -0.15
CA LEU B 350 -7.58 23.38 -0.86
C LEU B 350 -7.77 23.33 -2.38
N HIS B 351 -8.51 22.33 -2.87
CA HIS B 351 -8.67 22.10 -4.30
C HIS B 351 -10.14 22.19 -4.75
N SER B 352 -11.04 22.65 -3.88
CA SER B 352 -12.45 22.77 -4.25
C SER B 352 -12.65 23.83 -5.32
N ALA B 353 -13.37 23.49 -6.39
CA ALA B 353 -13.74 24.47 -7.41
C ALA B 353 -14.76 25.47 -6.90
N GLU B 354 -15.51 25.13 -5.85
CA GLU B 354 -16.40 26.09 -5.22
C GLU B 354 -15.64 27.15 -4.45
N GLU B 355 -14.45 26.84 -3.94
CA GLU B 355 -13.77 27.80 -3.10
C GLU B 355 -12.62 28.52 -3.79
N TRP B 356 -12.13 27.99 -4.90
CA TRP B 356 -11.00 28.56 -5.60
C TRP B 356 -11.30 28.61 -7.08
N ASP B 357 -10.74 29.62 -7.74
CA ASP B 357 -10.73 29.71 -9.19
C ASP B 357 -9.63 28.80 -9.75
N ASN B 358 -10.00 27.91 -10.66
CA ASN B 358 -9.09 26.97 -11.31
C ASN B 358 -8.16 26.28 -10.29
N PRO B 359 -8.72 25.53 -9.34
CA PRO B 359 -7.89 24.94 -8.27
C PRO B 359 -6.79 24.02 -8.77
N ALA B 360 -6.93 23.38 -9.94
CA ALA B 360 -5.88 22.49 -10.42
C ALA B 360 -4.68 23.24 -11.00
N SER B 361 -4.82 24.56 -11.17
CA SER B 361 -3.73 25.39 -11.67
C SER B 361 -2.81 25.80 -10.52
N PHE B 362 -1.52 25.53 -10.66
CA PHE B 362 -0.52 26.07 -9.75
C PHE B 362 -0.26 27.50 -10.20
N ASP B 363 -0.68 28.48 -9.41
CA ASP B 363 -0.66 29.87 -9.87
C ASP B 363 -0.43 30.78 -8.68
N PRO B 364 0.83 31.17 -8.44
CA PRO B 364 1.13 32.06 -7.33
C PRO B 364 0.47 33.43 -7.40
N GLU B 365 -0.06 33.83 -8.56
CA GLU B 365 -0.79 35.09 -8.61
C GLU B 365 -1.90 35.15 -7.59
N ARG B 366 -2.47 34.00 -7.22
CA ARG B 366 -3.57 34.06 -6.28
C ARG B 366 -3.16 34.57 -4.91
N PHE B 367 -1.86 34.63 -4.59
CA PHE B 367 -1.42 35.15 -3.31
C PHE B 367 -0.63 36.43 -3.45
N MET B 368 -0.47 36.97 -4.66
CA MET B 368 0.40 38.13 -4.83
C MET B 368 -0.16 39.39 -4.16
N ALA B 369 -1.47 39.46 -3.91
CA ALA B 369 -2.04 40.63 -3.24
C ALA B 369 -1.84 40.60 -1.73
N TYR B 370 -1.30 39.50 -1.19
CA TYR B 370 -1.16 39.31 0.25
C TYR B 370 0.28 39.60 0.66
N GLU B 371 0.45 40.23 1.82
CA GLU B 371 1.79 40.65 2.25
C GLU B 371 2.40 39.77 3.33
N THR B 372 1.59 39.16 4.18
CA THR B 372 2.07 38.45 5.36
C THR B 372 1.23 37.21 5.56
N GLN B 373 1.77 36.26 6.36
CA GLN B 373 0.97 35.11 6.76
C GLN B 373 -0.25 35.53 7.57
N SER B 374 -0.11 36.57 8.38
CA SER B 374 -1.27 37.08 9.12
C SER B 374 -2.41 37.44 8.19
N GLU B 375 -2.09 38.10 7.06
CA GLU B 375 -3.13 38.46 6.12
C GLU B 375 -3.69 37.24 5.40
N ALA B 376 -2.81 36.29 5.04
CA ALA B 376 -3.28 35.05 4.40
C ALA B 376 -4.26 34.26 5.27
N GLU B 377 -4.16 34.40 6.60
CA GLU B 377 -5.13 33.74 7.47
C GLU B 377 -6.56 34.12 7.17
N THR B 378 -6.78 35.28 6.57
CA THR B 378 -8.14 35.73 6.26
C THR B 378 -8.78 34.93 5.15
N ILE B 379 -8.02 34.16 4.37
CA ILE B 379 -8.60 33.34 3.32
C ILE B 379 -9.16 32.09 3.97
N LYS B 380 -10.49 32.00 4.06
CA LYS B 380 -11.13 30.95 4.85
C LYS B 380 -10.79 29.53 4.38
N PRO B 381 -10.85 29.18 3.09
CA PRO B 381 -10.49 27.80 2.69
C PRO B 381 -8.99 27.55 2.59
N PHE B 382 -8.13 28.50 2.97
CA PHE B 382 -6.68 28.30 2.83
C PHE B 382 -6.20 27.67 4.14
N ILE B 383 -6.33 26.35 4.22
CA ILE B 383 -6.13 25.64 5.48
C ILE B 383 -5.05 24.56 5.46
N PRO B 384 -3.90 24.78 4.83
CA PRO B 384 -2.89 23.69 4.76
C PRO B 384 -2.46 23.21 6.14
N GLN B 385 -2.55 24.06 7.16
CA GLN B 385 -2.16 23.73 8.52
C GLN B 385 -3.34 24.01 9.45
N GLY B 386 -4.56 23.91 8.94
CA GLY B 386 -5.76 24.04 9.73
C GLY B 386 -6.47 25.37 9.53
N GLY B 387 -7.66 25.45 10.13
CA GLY B 387 -8.53 26.60 9.93
C GLY B 387 -8.94 27.25 11.24
N ALA B 388 -9.81 28.25 11.10
CA ALA B 388 -10.34 29.04 12.24
C ALA B 388 -9.17 29.74 12.94
N ASP B 389 -9.18 29.86 14.27
CA ASP B 389 -8.29 30.77 14.99
C ASP B 389 -7.17 30.03 15.71
N VAL B 390 -5.95 30.60 15.65
CA VAL B 390 -4.77 29.94 16.21
C VAL B 390 -4.85 29.82 17.73
N ARG B 391 -5.25 30.90 18.41
CA ARG B 391 -5.17 30.89 19.87
C ARG B 391 -6.39 30.24 20.51
N THR B 392 -7.59 30.40 19.94
CA THR B 392 -8.80 29.85 20.55
C THR B 392 -9.17 28.47 20.03
N GLY B 393 -8.51 27.98 18.97
CA GLY B 393 -8.80 26.64 18.45
C GLY B 393 -7.55 25.79 18.30
N HIS B 394 -7.61 24.70 17.54
CA HIS B 394 -6.47 23.80 17.41
C HIS B 394 -5.58 24.11 16.22
N ARG B 395 -5.89 25.16 15.45
CA ARG B 395 -5.11 25.49 14.27
C ARG B 395 -3.63 25.61 14.58
N CYS B 396 -2.81 25.15 13.63
CA CYS B 396 -1.36 25.24 13.75
C CYS B 396 -0.92 26.65 14.15
N PRO B 397 -0.13 26.79 15.21
CA PRO B 397 0.51 28.07 15.53
C PRO B 397 1.82 28.28 14.81
N GLY B 398 2.24 27.34 13.97
CA GLY B 398 3.56 27.46 13.39
C GLY B 398 3.57 27.94 11.95
N GLU B 399 2.47 28.52 11.46
CA GLU B 399 2.44 28.86 10.03
C GLU B 399 3.38 30.01 9.70
N LYS B 400 3.61 30.94 10.63
CA LYS B 400 4.58 31.99 10.32
C LYS B 400 5.99 31.42 10.22
N ILE B 401 6.33 30.48 11.11
CA ILE B 401 7.64 29.85 11.01
C ILE B 401 7.74 29.02 9.73
N ALA B 402 6.67 28.29 9.41
CA ALA B 402 6.68 27.44 8.22
C ALA B 402 6.87 28.27 6.96
N VAL B 403 6.10 29.36 6.84
CA VAL B 403 6.22 30.22 5.66
C VAL B 403 7.57 30.91 5.63
N THR B 404 8.12 31.25 6.80
CA THR B 404 9.46 31.84 6.82
C THR B 404 10.49 30.85 6.31
N ALA B 405 10.42 29.60 6.79
CA ALA B 405 11.35 28.58 6.33
C ALA B 405 11.16 28.28 4.86
N LEU B 406 9.90 28.15 4.41
CA LEU B 406 9.64 27.77 3.02
C LEU B 406 10.05 28.88 2.06
N SER B 407 9.83 30.16 2.46
CA SER B 407 10.25 31.28 1.62
C SER B 407 11.76 31.32 1.48
N ALA B 408 12.49 31.08 2.58
CA ALA B 408 13.95 31.07 2.47
C ALA B 408 14.42 29.99 1.51
N ALA B 409 13.77 28.82 1.53
CA ALA B 409 14.16 27.74 0.63
C ALA B 409 13.82 28.08 -0.82
N VAL B 410 12.64 28.66 -1.04
CA VAL B 410 12.24 29.08 -2.37
C VAL B 410 13.26 30.07 -2.95
N GLU B 411 13.67 31.05 -2.14
CA GLU B 411 14.61 32.04 -2.65
C GLU B 411 15.93 31.40 -3.03
N ALA B 412 16.41 30.46 -2.22
CA ALA B 412 17.72 29.85 -2.50
C ALA B 412 17.64 28.84 -3.65
N LEU B 413 16.59 28.03 -3.67
CA LEU B 413 16.40 27.08 -4.77
C LEU B 413 16.21 27.78 -6.12
N ALA B 414 15.69 29.01 -6.11
CA ALA B 414 15.36 29.68 -7.35
C ALA B 414 16.59 30.11 -8.13
N ARG B 415 17.72 30.30 -7.47
CA ARG B 415 18.86 30.91 -8.14
C ARG B 415 19.31 30.04 -9.33
N PRO B 416 19.79 30.66 -10.41
CA PRO B 416 20.04 29.89 -11.65
C PRO B 416 21.15 28.85 -11.53
N GLU B 417 22.04 28.95 -10.55
CA GLU B 417 23.09 27.96 -10.40
C GLU B 417 22.61 26.66 -9.74
N VAL B 418 21.42 26.66 -9.15
CA VAL B 418 20.80 25.44 -8.63
C VAL B 418 20.20 24.68 -9.82
N ARG B 419 20.74 23.50 -10.12
CA ARG B 419 20.24 22.68 -11.23
C ARG B 419 19.35 21.59 -10.65
N ILE B 420 18.05 21.66 -10.95
CA ILE B 420 17.09 20.74 -10.35
C ILE B 420 16.91 19.59 -11.33
N SER B 421 17.11 18.36 -10.85
CA SER B 421 16.95 17.20 -11.73
C SER B 421 15.52 17.13 -12.27
N ALA B 422 15.40 16.79 -13.55
CA ALA B 422 14.11 16.67 -14.21
C ALA B 422 13.65 15.21 -14.37
N GLU B 423 14.40 14.25 -13.82
CA GLU B 423 14.08 12.85 -14.03
C GLU B 423 12.77 12.46 -13.32
N ALA B 424 12.15 11.38 -13.81
CA ALA B 424 10.82 11.05 -13.33
C ALA B 424 10.79 10.82 -11.82
N ILE B 425 11.81 10.18 -11.24
CA ILE B 425 11.77 9.95 -9.79
C ILE B 425 12.01 11.20 -8.96
N ASP B 426 12.48 12.29 -9.59
CA ASP B 426 12.69 13.56 -8.89
C ASP B 426 11.49 14.48 -8.93
N ILE B 427 10.64 14.33 -9.93
CA ILE B 427 9.54 15.25 -10.17
C ILE B 427 8.19 14.65 -9.80
N ASN B 428 8.01 13.35 -9.94
CA ASN B 428 6.68 12.82 -9.72
C ASN B 428 6.53 12.35 -8.29
N TYR B 429 5.29 12.25 -7.84
CA TYR B 429 5.04 11.83 -6.48
C TYR B 429 3.73 11.04 -6.43
N SER B 430 3.68 10.07 -5.52
CA SER B 430 2.46 9.29 -5.32
C SER B 430 1.46 10.03 -4.44
N MET B 431 0.18 9.90 -4.79
CA MET B 431 -0.94 10.38 -3.97
C MET B 431 -1.46 9.31 -3.01
N THR B 432 -0.94 8.09 -3.03
CA THR B 432 -1.54 7.04 -2.23
C THR B 432 -0.76 6.74 -0.94
N GLU B 433 0.35 7.41 -0.70
CA GLU B 433 1.18 7.18 0.48
C GLU B 433 1.31 8.48 1.27
N ILE B 434 1.22 8.39 2.59
CA ILE B 434 1.31 9.53 3.48
C ILE B 434 2.61 9.42 4.28
N LEU B 435 3.40 10.50 4.33
CA LEU B 435 3.28 11.80 3.67
C LEU B 435 3.81 11.69 2.25
N ALA B 436 3.41 12.62 1.39
CA ALA B 436 3.80 12.60 -0.02
C ALA B 436 5.09 13.41 -0.22
N ARG B 437 5.97 12.90 -1.08
CA ARG B 437 7.11 13.64 -1.59
C ARG B 437 7.65 12.90 -2.79
N PRO B 438 8.37 13.57 -3.70
CA PRO B 438 9.07 12.83 -4.75
C PRO B 438 9.99 11.78 -4.14
N LYS B 439 10.03 10.60 -4.75
CA LYS B 439 10.68 9.45 -4.14
C LYS B 439 12.16 9.69 -3.89
N SER B 440 12.82 10.41 -4.78
CA SER B 440 14.24 10.69 -4.60
C SER B 440 14.52 11.78 -3.57
N GLY B 441 13.51 12.52 -3.14
CA GLY B 441 13.75 13.73 -2.37
C GLY B 441 14.10 14.96 -3.19
N VAL B 442 14.25 14.80 -4.52
CA VAL B 442 14.57 15.82 -5.52
C VAL B 442 16.06 16.07 -5.48
N ARG B 443 16.77 15.51 -6.45
CA ARG B 443 18.22 15.65 -6.48
C ARG B 443 18.57 16.97 -7.15
N VAL B 444 19.61 17.64 -6.62
CA VAL B 444 20.05 18.95 -7.08
C VAL B 444 21.56 18.98 -7.06
N THR B 445 22.11 19.96 -7.77
CA THR B 445 23.52 20.27 -7.67
C THR B 445 23.70 21.74 -8.05
N VAL B 446 24.81 22.33 -7.63
CA VAL B 446 25.08 23.73 -7.92
C VAL B 446 26.25 23.83 -8.89
N ALA B 447 26.04 24.61 -9.95
CA ALA B 447 27.01 24.76 -11.03
C ALA B 447 28.33 25.36 -10.53
N ASN C 29 31.00 1.61 -17.62
CA ASN C 29 29.90 0.72 -18.00
C ASN C 29 28.97 0.46 -16.83
N PRO C 30 28.06 1.40 -16.59
CA PRO C 30 27.17 1.30 -15.41
C PRO C 30 26.30 0.05 -15.48
N ARG C 31 26.40 -0.77 -14.43
CA ARG C 31 25.60 -1.97 -14.33
C ARG C 31 24.71 -1.88 -13.09
N VAL C 32 23.66 -2.68 -13.11
CA VAL C 32 22.81 -2.90 -11.95
C VAL C 32 22.63 -4.41 -11.86
N SER C 33 22.94 -4.97 -10.70
CA SER C 33 23.03 -6.43 -10.61
C SER C 33 21.66 -7.04 -10.31
N GLY C 34 21.55 -8.33 -10.62
CA GLY C 34 20.36 -9.10 -10.35
C GLY C 34 19.36 -9.03 -11.50
N ASP C 35 18.43 -9.97 -11.50
CA ASP C 35 17.33 -9.95 -12.44
C ASP C 35 16.29 -8.95 -11.96
N ARG C 36 16.02 -7.93 -12.78
CA ARG C 36 15.10 -6.86 -12.41
C ARG C 36 13.75 -6.98 -13.11
N THR C 37 13.42 -8.17 -13.64
CA THR C 37 12.15 -8.34 -14.35
C THR C 37 10.97 -7.86 -13.51
N ILE C 38 10.93 -8.26 -12.24
CA ILE C 38 9.83 -7.87 -11.37
C ILE C 38 9.82 -6.35 -11.19
N GLN C 39 10.99 -5.72 -11.16
CA GLN C 39 11.03 -4.27 -10.95
C GLN C 39 10.43 -3.52 -12.12
N PHE C 40 10.55 -4.02 -13.36
CA PHE C 40 9.85 -3.37 -14.47
C PHE C 40 8.35 -3.32 -14.20
N LEU C 41 7.82 -4.34 -13.54
CA LEU C 41 6.40 -4.35 -13.26
C LEU C 41 6.04 -3.43 -12.09
N THR C 42 6.88 -3.36 -11.06
CA THR C 42 6.54 -2.54 -9.90
C THR C 42 6.86 -1.06 -10.09
N ASP C 43 7.82 -0.71 -10.97
CA ASP C 43 8.21 0.68 -11.13
C ASP C 43 7.51 1.40 -12.28
N GLY C 44 7.03 0.68 -13.29
CA GLY C 44 6.38 1.31 -14.43
C GLY C 44 7.27 2.35 -15.12
N TYR C 45 6.72 3.56 -15.30
CA TYR C 45 7.46 4.64 -15.94
C TYR C 45 8.68 5.09 -15.13
N LEU C 46 8.75 4.75 -13.85
CA LEU C 46 9.90 5.13 -13.03
C LEU C 46 11.09 4.20 -13.20
N LEU C 47 10.93 3.07 -13.90
CA LEU C 47 12.01 2.09 -13.98
C LEU C 47 13.32 2.67 -14.51
N PRO C 48 13.37 3.34 -15.69
CA PRO C 48 14.68 3.76 -16.17
C PRO C 48 15.37 4.74 -15.23
N SER C 49 14.67 5.72 -14.66
CA SER C 49 15.40 6.66 -13.80
C SER C 49 15.77 6.03 -12.47
N ASN C 50 15.00 5.04 -11.98
CA ASN C 50 15.44 4.31 -10.80
C ASN C 50 16.74 3.56 -11.08
N LEU C 51 16.84 2.91 -12.25
CA LEU C 51 18.02 2.13 -12.58
C LEU C 51 19.24 3.01 -12.75
N ARG C 52 19.10 4.12 -13.48
CA ARG C 52 20.21 5.06 -13.59
C ARG C 52 20.66 5.51 -12.20
N LYS C 53 19.71 5.76 -11.30
CA LYS C 53 20.09 6.20 -9.98
C LYS C 53 20.84 5.09 -9.25
N THR C 54 20.31 3.87 -9.29
CA THR C 54 20.95 2.76 -8.59
C THR C 54 22.34 2.48 -9.17
N ALA C 55 22.50 2.65 -10.48
CA ALA C 55 23.81 2.40 -11.08
C ALA C 55 24.81 3.48 -10.71
N GLY C 56 24.39 4.51 -9.99
CA GLY C 56 25.29 5.56 -9.56
C GLY C 56 25.49 6.67 -10.57
N LEU C 57 24.69 6.74 -11.63
CA LEU C 57 24.87 7.83 -12.58
C LEU C 57 24.30 9.13 -12.00
N GLU C 58 24.80 10.25 -12.52
CA GLU C 58 24.23 11.52 -12.09
C GLU C 58 22.89 11.78 -12.80
N PRO C 59 22.01 12.56 -12.20
CA PRO C 59 20.82 13.02 -12.92
C PRO C 59 21.22 13.59 -14.27
N GLU C 60 20.41 13.31 -15.28
CA GLU C 60 20.58 13.79 -16.66
C GLU C 60 21.72 13.11 -17.40
N SER C 61 22.33 12.07 -16.84
CA SER C 61 23.39 11.37 -17.55
C SER C 61 22.85 10.76 -18.84
N MET C 62 23.67 10.80 -19.89
CA MET C 62 23.39 10.14 -21.15
C MET C 62 24.10 8.79 -21.26
N CYS C 63 24.63 8.28 -20.15
N CYS C 63 24.65 8.28 -20.14
CA CYS C 63 25.35 7.01 -20.15
CA CYS C 63 25.35 7.00 -20.15
C CYS C 63 24.35 5.85 -20.11
C CYS C 63 24.34 5.86 -20.13
N PRO C 64 24.62 4.77 -20.85
CA PRO C 64 23.73 3.60 -20.80
C PRO C 64 23.81 2.93 -19.44
N VAL C 65 22.75 2.22 -19.09
CA VAL C 65 22.72 1.40 -17.89
C VAL C 65 22.24 0.01 -18.30
N THR C 66 22.93 -1.01 -17.83
CA THR C 66 22.64 -2.39 -18.19
C THR C 66 22.12 -3.16 -16.98
N THR C 67 21.07 -3.94 -17.20
CA THR C 67 20.50 -4.77 -16.14
C THR C 67 20.12 -6.10 -16.79
N LYS C 68 19.45 -6.98 -16.04
CA LYS C 68 18.95 -8.24 -16.58
C LYS C 68 17.42 -8.21 -16.62
N LEU C 69 16.87 -8.57 -17.75
CA LEU C 69 15.43 -8.63 -17.91
C LEU C 69 15.09 -9.89 -18.67
N LEU C 70 14.12 -10.66 -18.16
CA LEU C 70 13.69 -11.92 -18.79
C LEU C 70 14.88 -12.82 -19.09
N GLY C 71 15.81 -12.90 -18.15
CA GLY C 71 16.93 -13.79 -18.26
C GLY C 71 18.05 -13.36 -19.16
N GLN C 72 18.01 -12.14 -19.71
CA GLN C 72 19.07 -11.70 -20.63
C GLN C 72 19.43 -10.26 -20.30
N ASP C 73 20.60 -9.84 -20.78
CA ASP C 73 21.02 -8.46 -20.59
C ASP C 73 20.05 -7.51 -21.28
N ALA C 74 19.89 -6.33 -20.69
CA ALA C 74 19.13 -5.24 -21.29
C ALA C 74 19.84 -3.94 -20.96
N THR C 75 20.16 -3.16 -21.98
CA THR C 75 20.82 -1.88 -21.80
C THR C 75 19.84 -0.77 -22.19
N ILE C 76 19.59 0.16 -21.27
CA ILE C 76 18.64 1.25 -21.46
C ILE C 76 19.41 2.50 -21.87
N VAL C 77 19.02 3.09 -23.02
CA VAL C 77 19.63 4.29 -23.59
C VAL C 77 18.55 5.34 -23.72
N ARG C 78 18.97 6.61 -23.87
CA ARG C 78 18.02 7.70 -24.14
C ARG C 78 18.75 8.85 -24.80
N GLY C 79 17.98 9.80 -25.33
CA GLY C 79 18.57 10.95 -26.00
C GLY C 79 18.96 10.60 -27.43
N SER C 80 19.52 11.60 -28.12
CA SER C 80 19.69 11.49 -29.57
C SER C 80 20.60 10.33 -29.97
N ALA C 81 21.71 10.13 -29.24
CA ALA C 81 22.60 9.03 -29.59
C ALA C 81 21.94 7.68 -29.36
N GLY C 82 21.09 7.56 -28.33
CA GLY C 82 20.40 6.30 -28.12
C GLY C 82 19.34 6.08 -29.17
N ILE C 83 18.73 7.17 -29.67
CA ILE C 83 17.78 7.04 -30.76
C ILE C 83 18.47 6.47 -31.99
N ASP C 84 19.66 7.00 -32.31
CA ASP C 84 20.41 6.52 -33.47
C ASP C 84 20.73 5.03 -33.35
N LEU C 85 21.19 4.60 -32.18
CA LEU C 85 21.48 3.17 -31.99
C LEU C 85 20.21 2.33 -32.16
N PHE C 86 19.12 2.74 -31.51
CA PHE C 86 17.89 1.95 -31.47
C PHE C 86 17.33 1.75 -32.88
N TYR C 87 17.51 2.75 -33.73
CA TYR C 87 16.92 2.71 -35.08
C TYR C 87 17.95 2.32 -36.14
N ASP C 88 19.10 1.80 -35.70
CA ASP C 88 20.10 1.30 -36.65
C ASP C 88 19.78 -0.16 -36.98
N GLU C 89 19.13 -0.41 -38.13
CA GLU C 89 18.72 -1.78 -38.47
C GLU C 89 19.89 -2.67 -38.89
N ASP C 90 21.10 -2.11 -39.01
CA ASP C 90 22.30 -2.94 -39.17
C ASP C 90 22.64 -3.71 -37.90
N VAL C 91 22.25 -3.21 -36.72
CA VAL C 91 22.56 -3.87 -35.46
C VAL C 91 21.32 -4.22 -34.63
N MET C 92 20.15 -3.67 -34.95
CA MET C 92 18.97 -3.89 -34.12
C MET C 92 17.90 -4.62 -34.93
N GLN C 93 17.27 -5.60 -34.30
CA GLN C 93 16.11 -6.27 -34.87
C GLN C 93 14.98 -6.21 -33.86
N ARG C 94 13.75 -6.45 -34.31
CA ARG C 94 12.59 -6.36 -33.39
C ARG C 94 11.99 -7.74 -33.05
N GLU C 95 12.29 -8.77 -33.85
CA GLU C 95 11.63 -10.05 -33.56
C GLU C 95 12.05 -10.54 -32.18
N GLY C 96 11.08 -10.91 -31.36
CA GLY C 96 11.37 -11.37 -30.01
C GLY C 96 11.68 -10.29 -28.99
N ALA C 97 11.77 -9.01 -29.40
CA ALA C 97 12.22 -7.98 -28.46
C ALA C 97 11.16 -7.68 -27.40
N MET C 98 9.92 -7.51 -27.83
CA MET C 98 8.82 -7.31 -26.89
C MET C 98 8.44 -8.63 -26.24
N PRO C 99 8.35 -8.71 -24.92
CA PRO C 99 7.85 -9.94 -24.26
C PRO C 99 6.47 -10.29 -24.80
N PRO C 100 6.23 -11.56 -25.14
CA PRO C 100 4.93 -11.93 -25.72
C PRO C 100 3.76 -11.65 -24.80
N VAL C 101 3.96 -11.63 -23.48
CA VAL C 101 2.85 -11.35 -22.59
C VAL C 101 2.31 -9.94 -22.84
N ILE C 102 3.17 -9.04 -23.33
CA ILE C 102 2.75 -7.70 -23.72
C ILE C 102 2.35 -7.70 -25.19
N GLY C 103 3.29 -8.11 -26.04
CA GLY C 103 3.11 -7.90 -27.48
C GLY C 103 1.95 -8.69 -28.06
N ASP C 104 1.79 -9.95 -27.64
CA ASP C 104 0.72 -10.76 -28.23
C ASP C 104 -0.65 -10.21 -27.82
N ALA C 105 -0.76 -9.62 -26.63
CA ALA C 105 -2.02 -8.97 -26.26
C ALA C 105 -2.19 -7.67 -27.02
N LEU C 106 -1.18 -6.78 -26.96
CA LEU C 106 -1.32 -5.41 -27.44
C LEU C 106 -1.42 -5.33 -28.96
N VAL C 107 -0.45 -5.89 -29.68
CA VAL C 107 -0.44 -5.78 -31.14
C VAL C 107 -0.78 -7.08 -31.87
N GLY C 108 -0.81 -8.22 -31.19
CA GLY C 108 -1.17 -9.46 -31.86
C GLY C 108 0.04 -10.17 -32.49
N LYS C 109 -0.15 -11.46 -32.75
CA LYS C 109 0.90 -12.31 -33.31
C LYS C 109 1.17 -12.01 -34.78
N GLY C 110 2.45 -12.05 -35.17
CA GLY C 110 2.78 -11.82 -36.56
C GLY C 110 2.57 -10.40 -37.03
N ALA C 111 2.46 -9.45 -36.12
CA ALA C 111 2.22 -8.07 -36.51
C ALA C 111 3.50 -7.44 -37.06
N VAL C 112 3.30 -6.34 -37.82
CA VAL C 112 4.40 -5.58 -38.39
C VAL C 112 5.47 -5.24 -37.35
N HIS C 113 5.08 -5.04 -36.09
CA HIS C 113 6.05 -4.62 -35.04
C HIS C 113 7.13 -5.68 -34.83
N ASN C 114 6.82 -6.93 -35.15
CA ASN C 114 7.72 -8.06 -34.90
C ASN C 114 8.56 -8.42 -36.12
N LEU C 115 8.36 -7.76 -37.26
CA LEU C 115 9.04 -8.10 -38.49
C LEU C 115 10.31 -7.29 -38.66
N ASP C 116 11.25 -7.85 -39.44
CA ASP C 116 12.52 -7.22 -39.75
C ASP C 116 12.79 -7.32 -41.25
N GLY C 117 13.81 -6.60 -41.71
CA GLY C 117 14.27 -6.73 -43.09
C GLY C 117 13.21 -6.36 -44.13
N GLU C 118 13.35 -6.97 -45.31
CA GLU C 118 12.47 -6.63 -46.42
C GLU C 118 11.01 -6.98 -46.14
N GLU C 119 10.74 -8.05 -45.39
CA GLU C 119 9.36 -8.35 -45.03
C GLU C 119 8.75 -7.22 -44.21
N HIS C 120 9.53 -6.64 -43.30
CA HIS C 120 9.00 -5.46 -42.56
C HIS C 120 8.76 -4.29 -43.51
N LYS C 121 9.75 -3.99 -44.35
CA LYS C 121 9.62 -2.84 -45.24
C LYS C 121 8.38 -2.95 -46.13
N VAL C 122 8.11 -4.15 -46.65
CA VAL C 122 6.91 -4.38 -47.46
C VAL C 122 5.64 -4.22 -46.62
N ARG C 123 5.59 -4.85 -45.45
CA ARG C 123 4.42 -4.71 -44.60
C ARG C 123 4.21 -3.24 -44.21
N LYS C 124 5.28 -2.56 -43.82
CA LYS C 124 5.17 -1.16 -43.34
C LYS C 124 4.70 -0.25 -44.49
N ALA C 125 5.20 -0.51 -45.69
CA ALA C 125 4.81 0.32 -46.82
C ALA C 125 3.30 0.30 -47.00
N GLN C 126 2.69 -0.88 -46.86
CA GLN C 126 1.24 -0.99 -47.05
C GLN C 126 0.47 -0.40 -45.88
N MET C 127 1.06 -0.40 -44.69
CA MET C 127 0.35 0.17 -43.55
C MET C 127 0.55 1.67 -43.45
N ALA C 128 1.77 2.14 -43.73
CA ALA C 128 2.00 3.57 -43.83
C ALA C 128 1.17 4.20 -44.95
N ALA C 129 0.93 3.44 -46.03
CA ALA C 129 0.11 4.00 -47.10
C ALA C 129 -1.28 4.35 -46.59
N MET C 130 -1.76 3.61 -45.58
CA MET C 130 -3.10 3.87 -45.06
C MET C 130 -3.09 5.00 -44.02
N ALA C 131 -2.19 4.92 -43.03
CA ALA C 131 -2.23 5.86 -41.91
C ALA C 131 -1.48 7.17 -42.16
N TYR C 132 -0.44 7.15 -42.97
CA TYR C 132 0.52 8.24 -43.01
C TYR C 132 0.33 9.20 -44.19
N GLU C 133 -0.45 8.82 -45.20
CA GLU C 133 -0.66 9.69 -46.36
C GLU C 133 -1.56 10.87 -46.03
N ASP C 134 -1.16 12.07 -46.46
CA ASP C 134 -1.89 13.28 -46.10
C ASP C 134 -3.36 13.25 -46.54
N GLU C 135 -3.63 12.65 -47.70
CA GLU C 135 -5.01 12.59 -48.19
C GLU C 135 -5.88 11.73 -47.29
N ARG C 136 -5.31 10.64 -46.77
CA ARG C 136 -6.09 9.77 -45.89
C ARG C 136 -6.29 10.39 -44.51
N VAL C 137 -5.30 11.13 -44.03
CA VAL C 137 -5.46 11.90 -42.79
C VAL C 137 -6.56 12.93 -42.94
N ALA C 138 -6.64 13.57 -44.12
CA ALA C 138 -7.66 14.58 -44.35
C ALA C 138 -9.06 13.98 -44.40
N GLU C 139 -9.19 12.70 -44.75
CA GLU C 139 -10.49 12.04 -44.61
C GLU C 139 -10.82 11.78 -43.15
N PHE C 140 -9.79 11.52 -42.33
CA PHE C 140 -10.03 11.21 -40.93
C PHE C 140 -10.50 12.46 -40.18
N ALA C 141 -9.96 13.64 -40.55
CA ALA C 141 -10.18 14.82 -39.73
C ALA C 141 -11.66 15.17 -39.54
N PRO C 142 -12.48 15.25 -40.60
CA PRO C 142 -13.90 15.59 -40.34
C PRO C 142 -14.66 14.51 -39.59
N LEU C 143 -14.26 13.24 -39.75
CA LEU C 143 -14.93 12.17 -39.00
C LEU C 143 -14.67 12.28 -37.51
N VAL C 144 -13.42 12.52 -37.11
CA VAL C 144 -13.14 12.55 -35.68
C VAL C 144 -13.71 13.82 -35.03
N ALA C 145 -13.73 14.94 -35.75
CA ALA C 145 -14.43 16.12 -35.22
C ALA C 145 -15.90 15.80 -34.98
N GLU C 146 -16.54 15.11 -35.93
CA GLU C 146 -17.95 14.75 -35.79
C GLU C 146 -18.19 13.84 -34.58
N GLU C 147 -17.35 12.83 -34.39
CA GLU C 147 -17.58 11.90 -33.28
C GLU C 147 -17.25 12.56 -31.93
N VAL C 148 -16.23 13.43 -31.89
CA VAL C 148 -15.94 14.16 -30.65
C VAL C 148 -17.12 15.08 -30.30
N GLU C 149 -17.66 15.80 -31.29
CA GLU C 149 -18.84 16.64 -31.05
C GLU C 149 -20.00 15.83 -30.46
N ARG C 150 -20.23 14.63 -30.99
CA ARG C 150 -21.31 13.78 -30.50
C ARG C 150 -21.07 13.35 -29.05
N ALA C 151 -19.83 13.03 -28.67
CA ALA C 151 -19.57 12.62 -27.29
C ALA C 151 -19.74 13.77 -26.32
N VAL C 152 -19.23 14.96 -26.69
CA VAL C 152 -19.34 16.13 -25.80
C VAL C 152 -20.80 16.55 -25.64
N ALA C 153 -21.58 16.50 -26.71
CA ALA C 153 -23.01 16.74 -26.60
C ALA C 153 -23.67 15.80 -25.57
N GLY C 154 -23.24 14.54 -25.52
CA GLY C 154 -23.75 13.58 -24.54
C GLY C 154 -23.45 13.95 -23.11
N TRP C 155 -22.52 14.88 -22.89
CA TRP C 155 -22.20 15.36 -21.57
C TRP C 155 -23.16 16.47 -21.10
N GLU C 156 -24.03 16.97 -21.95
CA GLU C 156 -24.84 18.14 -21.56
C GLU C 156 -25.77 17.76 -20.43
N GLY C 157 -25.59 18.41 -19.28
CA GLY C 157 -26.40 18.12 -18.11
C GLY C 157 -26.24 16.70 -17.58
N ALA C 158 -25.08 16.08 -17.78
CA ALA C 158 -24.91 14.65 -17.51
C ALA C 158 -23.47 14.39 -17.06
N GLN C 159 -23.23 13.20 -16.51
CA GLN C 159 -21.91 12.85 -15.98
C GLN C 159 -21.13 12.16 -17.09
N GLY C 160 -20.10 12.84 -17.61
CA GLY C 160 -19.28 12.29 -18.65
C GLY C 160 -17.93 11.81 -18.12
N ASN C 161 -17.23 11.08 -18.98
CA ASN C 161 -15.91 10.56 -18.64
C ASN C 161 -15.01 10.75 -19.86
N VAL C 162 -13.95 11.56 -19.74
CA VAL C 162 -13.15 11.89 -20.91
C VAL C 162 -12.52 10.63 -21.50
N PHE C 163 -11.87 9.83 -20.65
CA PHE C 163 -11.19 8.64 -21.18
C PHE C 163 -12.18 7.70 -21.87
N GLU C 164 -13.26 7.33 -21.18
CA GLU C 164 -14.18 6.35 -21.78
C GLU C 164 -14.87 6.90 -23.01
N ASP C 165 -15.35 8.15 -22.94
CA ASP C 165 -16.21 8.69 -24.00
C ASP C 165 -15.42 9.16 -25.21
N LEU C 166 -14.24 9.76 -24.99
CA LEU C 166 -13.47 10.16 -26.17
C LEU C 166 -12.74 8.97 -26.78
N SER C 167 -12.38 7.94 -25.98
CA SER C 167 -11.87 6.71 -26.60
C SER C 167 -12.93 6.06 -27.51
N LEU C 168 -14.19 6.05 -27.06
CA LEU C 168 -15.27 5.56 -27.91
C LEU C 168 -15.42 6.41 -29.16
N ALA C 169 -15.42 7.74 -29.00
CA ALA C 169 -15.48 8.63 -30.16
C ALA C 169 -14.37 8.34 -31.16
N PHE C 170 -13.14 8.14 -30.68
CA PHE C 170 -12.04 7.89 -31.62
C PHE C 170 -12.22 6.57 -32.36
N GLY C 171 -12.70 5.53 -31.67
CA GLY C 171 -12.92 4.25 -32.32
C GLY C 171 -14.03 4.31 -33.36
N ARG C 172 -15.14 4.98 -33.03
CA ARG C 172 -16.19 5.19 -34.03
C ARG C 172 -15.62 5.90 -35.26
N ALA C 173 -14.80 6.94 -35.04
CA ALA C 173 -14.21 7.64 -36.18
C ALA C 173 -13.25 6.74 -36.94
N ALA C 174 -12.49 5.92 -36.22
CA ALA C 174 -11.52 5.04 -36.88
C ALA C 174 -12.22 4.00 -37.74
N PHE C 175 -13.29 3.39 -37.22
CA PHE C 175 -14.00 2.36 -37.97
C PHE C 175 -14.61 2.96 -39.24
N ARG C 176 -15.29 4.11 -39.13
CA ARG C 176 -15.82 4.76 -40.31
C ARG C 176 -14.71 5.12 -41.29
N TRP C 177 -13.59 5.66 -40.77
CA TRP C 177 -12.49 6.05 -41.64
C TRP C 177 -11.94 4.85 -42.41
N ALA C 178 -11.78 3.72 -41.72
CA ALA C 178 -11.18 2.53 -42.30
C ALA C 178 -12.13 1.81 -43.26
N GLY C 179 -13.41 2.13 -43.25
CA GLY C 179 -14.36 1.41 -44.07
C GLY C 179 -14.90 0.17 -43.41
N ILE C 180 -14.83 0.08 -42.08
CA ILE C 180 -15.42 -1.02 -41.32
C ILE C 180 -16.85 -0.58 -41.01
N ASP C 181 -17.76 -0.85 -41.93
CA ASP C 181 -19.13 -0.36 -41.85
C ASP C 181 -19.98 -1.45 -41.22
N LEU C 182 -20.29 -1.29 -39.94
CA LEU C 182 -21.00 -2.29 -39.15
C LEU C 182 -22.21 -1.64 -38.50
N PRO C 183 -23.18 -2.44 -38.04
CA PRO C 183 -24.25 -1.86 -37.22
C PRO C 183 -23.67 -1.14 -36.02
N ALA C 184 -24.36 -0.05 -35.62
CA ALA C 184 -23.79 0.88 -34.64
C ALA C 184 -23.48 0.20 -33.31
N GLU C 185 -24.31 -0.75 -32.89
CA GLU C 185 -24.04 -1.42 -31.63
C GLU C 185 -22.86 -2.37 -31.75
N ASN C 186 -22.62 -2.92 -32.94
CA ASN C 186 -21.47 -3.80 -33.11
C ASN C 186 -20.17 -3.00 -33.07
N THR C 187 -20.16 -1.84 -33.73
CA THR C 187 -18.96 -0.98 -33.66
C THR C 187 -18.66 -0.59 -32.22
N ASP C 188 -19.67 -0.09 -31.48
CA ASP C 188 -19.43 0.29 -30.10
C ASP C 188 -18.95 -0.88 -29.26
N GLU C 189 -19.48 -2.09 -29.52
CA GLU C 189 -19.02 -3.22 -28.74
C GLU C 189 -17.57 -3.57 -29.06
N LEU C 190 -17.20 -3.53 -30.34
CA LEU C 190 -15.82 -3.86 -30.70
C LEU C 190 -14.85 -2.80 -30.19
N VAL C 191 -15.22 -1.53 -30.32
CA VAL C 191 -14.37 -0.47 -29.77
C VAL C 191 -14.28 -0.64 -28.26
N GLY C 192 -15.40 -1.00 -27.63
CA GLY C 192 -15.39 -1.32 -26.21
C GLY C 192 -14.35 -2.39 -25.87
N ARG C 193 -14.24 -3.42 -26.71
CA ARG C 193 -13.25 -4.47 -26.45
C ARG C 193 -11.84 -3.92 -26.59
N MET C 194 -11.61 -3.05 -27.57
CA MET C 194 -10.29 -2.45 -27.73
C MET C 194 -9.94 -1.60 -26.53
N ILE C 195 -10.92 -0.86 -26.02
CA ILE C 195 -10.67 -0.05 -24.83
C ILE C 195 -10.29 -0.93 -23.66
N THR C 196 -11.08 -1.97 -23.40
CA THR C 196 -10.75 -2.92 -22.33
C THR C 196 -9.34 -3.51 -22.52
N LEU C 197 -8.99 -3.91 -23.75
CA LEU C 197 -7.65 -4.42 -24.00
C LEU C 197 -6.60 -3.38 -23.64
N LEU C 198 -6.73 -2.17 -24.19
CA LEU C 198 -5.76 -1.10 -23.93
C LEU C 198 -5.63 -0.77 -22.45
N ASP C 199 -6.73 -0.92 -21.69
CA ASP C 199 -6.76 -0.52 -20.29
C ASP C 199 -6.24 -1.62 -19.36
N ASN C 200 -5.83 -2.78 -19.90
CA ASN C 200 -5.50 -3.91 -19.04
C ASN C 200 -4.27 -4.69 -19.43
N PHE C 201 -3.68 -4.49 -20.60
CA PHE C 201 -2.61 -5.37 -21.03
C PHE C 201 -1.34 -5.23 -20.21
N GLY C 202 -1.19 -4.16 -19.46
CA GLY C 202 0.07 -3.90 -18.83
C GLY C 202 0.18 -4.24 -17.35
N THR C 203 -0.86 -4.81 -16.76
CA THR C 203 -0.86 -5.12 -15.33
C THR C 203 -1.05 -6.61 -15.13
N ALA C 204 -0.64 -7.07 -13.93
CA ALA C 204 -0.75 -8.49 -13.60
C ALA C 204 -2.20 -8.94 -13.54
N THR C 205 -3.06 -8.14 -12.88
CA THR C 205 -4.47 -8.51 -12.82
C THR C 205 -5.19 -8.27 -14.13
N GLY C 206 -4.68 -7.38 -14.98
CA GLY C 206 -5.35 -7.05 -16.22
C GLY C 206 -5.03 -7.97 -17.40
N THR C 207 -3.83 -8.57 -17.41
CA THR C 207 -3.42 -9.30 -18.63
C THR C 207 -4.40 -10.40 -19.05
N PRO C 208 -5.04 -11.19 -18.17
CA PRO C 208 -6.03 -12.18 -18.69
C PRO C 208 -7.20 -11.53 -19.39
N LYS C 209 -7.66 -10.38 -18.90
CA LYS C 209 -8.77 -9.68 -19.55
C LYS C 209 -8.35 -9.23 -20.92
N ALA C 210 -7.09 -8.78 -21.06
CA ALA C 210 -6.63 -8.26 -22.34
C ALA C 210 -6.44 -9.38 -23.36
N PHE C 211 -5.92 -10.52 -22.92
CA PHE C 211 -5.82 -11.66 -23.84
C PHE C 211 -7.18 -12.22 -24.21
N TRP C 212 -8.16 -12.17 -23.30
CA TRP C 212 -9.52 -12.54 -23.66
C TRP C 212 -10.05 -11.66 -24.79
N GLN C 213 -9.89 -10.32 -24.66
CA GLN C 213 -10.37 -9.43 -25.71
C GLN C 213 -9.62 -9.63 -27.01
N ARG C 214 -8.31 -9.85 -26.92
CA ARG C 214 -7.48 -10.09 -28.10
C ARG C 214 -7.99 -11.27 -28.91
N ARG C 215 -8.31 -12.37 -28.24
CA ARG C 215 -8.87 -13.53 -28.93
C ARG C 215 -10.19 -13.18 -29.61
N GLN C 216 -11.09 -12.48 -28.92
CA GLN C 216 -12.39 -12.16 -29.53
C GLN C 216 -12.21 -11.23 -30.72
N LEU C 217 -11.32 -10.23 -30.59
CA LEU C 217 -11.07 -9.29 -31.67
C LEU C 217 -10.42 -9.95 -32.88
N ASP C 218 -9.43 -10.84 -32.66
CA ASP C 218 -8.77 -11.50 -33.78
C ASP C 218 -9.75 -12.37 -34.55
N ASN C 219 -10.64 -13.07 -33.82
CA ASN C 219 -11.69 -13.88 -34.45
C ASN C 219 -12.59 -13.01 -35.32
N TRP C 220 -13.09 -11.90 -34.75
CA TRP C 220 -13.92 -10.98 -35.52
C TRP C 220 -13.19 -10.46 -36.75
N ALA C 221 -11.96 -9.97 -36.59
CA ALA C 221 -11.28 -9.36 -37.72
C ALA C 221 -10.93 -10.40 -38.78
N GLU C 222 -10.57 -11.61 -38.35
CA GLU C 222 -10.32 -12.67 -39.33
C GLU C 222 -11.59 -12.97 -40.12
N ALA C 223 -12.73 -13.09 -39.42
CA ALA C 223 -13.99 -13.32 -40.12
C ALA C 223 -14.29 -12.22 -41.12
N LEU C 224 -14.05 -10.97 -40.71
CA LEU C 224 -14.28 -9.83 -41.61
C LEU C 224 -13.36 -9.89 -42.83
N ILE C 225 -12.07 -10.11 -42.61
CA ILE C 225 -11.15 -10.15 -43.75
C ILE C 225 -11.52 -11.29 -44.68
N THR C 226 -11.84 -12.46 -44.11
CA THR C 226 -12.25 -13.60 -44.92
C THR C 226 -13.48 -13.26 -45.75
N ASP C 227 -14.48 -12.65 -45.13
CA ASP C 227 -15.69 -12.27 -45.87
C ASP C 227 -15.37 -11.35 -47.04
N VAL C 228 -14.49 -10.37 -46.83
CA VAL C 228 -14.16 -9.48 -47.93
C VAL C 228 -13.49 -10.26 -49.06
N ARG C 229 -12.56 -11.16 -48.72
CA ARG C 229 -11.83 -11.90 -49.75
C ARG C 229 -12.74 -12.87 -50.47
N GLU C 230 -13.65 -13.54 -49.75
CA GLU C 230 -14.59 -14.46 -50.38
C GLU C 230 -15.83 -13.76 -50.96
N GLY C 231 -15.84 -12.43 -51.00
CA GLY C 231 -16.88 -11.69 -51.67
C GLY C 231 -18.20 -11.58 -50.94
N ARG C 232 -18.34 -12.17 -49.74
CA ARG C 232 -19.59 -12.02 -48.99
C ARG C 232 -19.81 -10.61 -48.47
N ILE C 233 -18.73 -9.88 -48.15
CA ILE C 233 -18.80 -8.46 -47.84
C ILE C 233 -18.07 -7.69 -48.94
N THR C 234 -18.63 -6.55 -49.33
CA THR C 234 -18.01 -5.67 -50.31
C THR C 234 -17.46 -4.45 -49.60
N ALA C 235 -16.15 -4.25 -49.71
CA ALA C 235 -15.51 -3.10 -49.08
C ALA C 235 -15.51 -1.92 -50.04
N ARG C 236 -15.67 -0.72 -49.49
CA ARG C 236 -15.61 0.48 -50.30
C ARG C 236 -14.30 0.52 -51.05
N PRO C 237 -14.31 0.84 -52.35
CA PRO C 237 -13.05 0.81 -53.12
C PRO C 237 -12.01 1.76 -52.54
N ASP C 238 -10.77 1.27 -52.49
CA ASP C 238 -9.59 1.99 -52.02
C ASP C 238 -9.63 2.32 -50.53
N CYS C 239 -10.49 1.68 -49.74
CA CYS C 239 -10.52 1.98 -48.31
C CYS C 239 -9.55 1.06 -47.54
N VAL C 240 -9.25 1.45 -46.30
CA VAL C 240 -8.28 0.69 -45.49
C VAL C 240 -8.64 -0.78 -45.45
N LEU C 241 -9.90 -1.09 -45.18
CA LEU C 241 -10.34 -2.49 -45.07
C LEU C 241 -10.02 -3.26 -46.35
N GLU C 242 -10.22 -2.63 -47.51
CA GLU C 242 -9.88 -3.29 -48.77
C GLU C 242 -8.39 -3.55 -48.87
N HIS C 243 -7.57 -2.53 -48.56
CA HIS C 243 -6.14 -2.71 -48.67
C HIS C 243 -5.62 -3.76 -47.68
N MET C 244 -6.23 -3.88 -46.50
CA MET C 244 -5.84 -4.94 -45.58
C MET C 244 -6.29 -6.32 -46.09
N ALA C 245 -7.48 -6.41 -46.68
CA ALA C 245 -7.85 -7.66 -47.34
C ALA C 245 -6.86 -8.03 -48.44
N GLN C 246 -6.25 -7.03 -49.09
CA GLN C 246 -5.28 -7.25 -50.15
C GLN C 246 -3.82 -7.24 -49.66
N LEU C 247 -3.60 -7.41 -48.35
CA LEU C 247 -2.23 -7.33 -47.82
C LEU C 247 -1.35 -8.46 -48.35
N THR C 248 -0.18 -8.12 -48.89
CA THR C 248 0.72 -9.13 -49.46
C THR C 248 2.08 -9.09 -48.78
N ASP C 249 2.87 -10.15 -48.99
CA ASP C 249 4.21 -10.17 -48.41
C ASP C 249 5.23 -9.87 -49.51
N ALA C 250 6.52 -10.11 -49.19
CA ALA C 250 7.58 -9.73 -50.13
C ALA C 250 7.50 -10.56 -51.40
N SER C 251 7.03 -11.80 -51.31
CA SER C 251 6.89 -12.66 -52.48
C SER C 251 5.67 -12.32 -53.33
N GLY C 252 4.83 -11.39 -52.90
CA GLY C 252 3.61 -11.08 -53.59
C GLY C 252 2.41 -11.92 -53.19
N GLU C 253 2.59 -12.98 -52.41
CA GLU C 253 1.46 -13.77 -51.95
C GLU C 253 0.63 -13.02 -50.92
N ARG C 254 -0.67 -13.34 -50.89
CA ARG C 254 -1.58 -12.80 -49.89
C ARG C 254 -1.15 -13.22 -48.50
N VAL C 255 -1.16 -12.27 -47.58
CA VAL C 255 -0.97 -12.58 -46.17
C VAL C 255 -2.21 -13.28 -45.66
N ASP C 256 -2.04 -14.27 -44.77
CA ASP C 256 -3.19 -15.02 -44.29
C ASP C 256 -4.18 -14.12 -43.55
N ALA C 257 -5.42 -14.60 -43.47
CA ALA C 257 -6.53 -13.73 -43.10
C ALA C 257 -6.44 -13.24 -41.64
N ARG C 258 -6.01 -14.11 -40.71
CA ARG C 258 -5.96 -13.67 -39.31
C ARG C 258 -4.92 -12.57 -39.13
N THR C 259 -3.76 -12.73 -39.77
CA THR C 259 -2.72 -11.69 -39.73
C THR C 259 -3.23 -10.38 -40.34
N ALA C 260 -3.93 -10.47 -41.47
CA ALA C 260 -4.52 -9.28 -42.07
C ALA C 260 -5.54 -8.62 -41.14
N GLY C 261 -6.30 -9.42 -40.40
CA GLY C 261 -7.21 -8.84 -39.42
C GLY C 261 -6.47 -8.21 -38.26
N ILE C 262 -5.30 -8.74 -37.92
CA ILE C 262 -4.46 -8.16 -36.88
C ILE C 262 -3.92 -6.81 -37.34
N GLU C 263 -3.55 -6.68 -38.63
CA GLU C 263 -3.08 -5.39 -39.12
C GLU C 263 -4.23 -4.40 -39.26
N LEU C 264 -5.42 -4.87 -39.61
CA LEU C 264 -6.60 -4.00 -39.58
C LEU C 264 -6.79 -3.40 -38.19
N GLN C 265 -6.62 -4.20 -37.15
CA GLN C 265 -6.72 -3.69 -35.78
C GLN C 265 -5.57 -2.74 -35.45
N ASN C 266 -4.37 -3.00 -35.99
CA ASN C 266 -3.24 -2.09 -35.82
C ASN C 266 -3.41 -0.77 -36.57
N LEU C 267 -4.50 -0.58 -37.33
CA LEU C 267 -4.82 0.72 -37.92
C LEU C 267 -6.08 1.34 -37.35
N THR C 268 -6.64 0.76 -36.29
CA THR C 268 -7.86 1.26 -35.67
C THR C 268 -7.69 1.32 -34.15
N ARG C 269 -7.22 0.24 -33.54
CA ARG C 269 -7.01 0.25 -32.09
C ARG C 269 -6.07 1.37 -31.61
N PRO C 270 -4.95 1.69 -32.28
CA PRO C 270 -4.12 2.80 -31.79
C PRO C 270 -4.85 4.16 -31.80
N THR C 271 -5.80 4.34 -32.71
CA THR C 271 -6.61 5.58 -32.74
C THR C 271 -7.43 5.61 -31.45
N VAL C 272 -8.05 4.51 -31.09
CA VAL C 272 -8.74 4.40 -29.78
C VAL C 272 -7.79 4.82 -28.65
N ALA C 273 -6.53 4.41 -28.72
CA ALA C 273 -5.57 4.67 -27.62
C ALA C 273 -5.30 6.17 -27.43
N VAL C 274 -5.61 7.00 -28.42
CA VAL C 274 -5.44 8.48 -28.24
C VAL C 274 -6.28 8.94 -27.04
N GLY C 275 -7.26 8.14 -26.62
CA GLY C 275 -8.03 8.48 -25.42
C GLY C 275 -7.17 8.72 -24.20
N PHE C 276 -6.03 8.01 -24.07
CA PHE C 276 -5.14 8.27 -22.96
C PHE C 276 -4.61 9.71 -23.02
N PHE C 277 -4.12 10.12 -24.19
CA PHE C 277 -3.68 11.51 -24.32
C PHE C 277 -4.83 12.48 -24.11
N ALA C 278 -6.03 12.15 -24.63
CA ALA C 278 -7.16 13.06 -24.47
C ALA C 278 -7.49 13.27 -23.01
N SER C 279 -7.40 12.21 -22.20
CA SER C 279 -7.65 12.39 -20.77
C SER C 279 -6.55 13.23 -20.13
N PHE C 280 -5.29 13.05 -20.55
CA PHE C 280 -4.26 13.94 -20.04
C PHE C 280 -4.48 15.37 -20.51
N ALA C 281 -4.98 15.54 -21.75
CA ALA C 281 -5.23 16.90 -22.25
C ALA C 281 -6.28 17.64 -21.43
N ALA C 282 -7.34 16.94 -21.01
CA ALA C 282 -8.34 17.53 -20.12
C ALA C 282 -7.70 17.95 -18.80
N VAL C 283 -6.83 17.09 -18.25
CA VAL C 283 -6.11 17.49 -17.05
C VAL C 283 -5.29 18.74 -17.33
N ALA C 284 -4.61 18.79 -18.48
CA ALA C 284 -3.74 19.91 -18.79
C ALA C 284 -4.54 21.19 -19.00
N LEU C 285 -5.75 21.07 -19.57
CA LEU C 285 -6.61 22.23 -19.71
C LEU C 285 -7.05 22.78 -18.34
N ALA C 286 -7.38 21.89 -17.40
CA ALA C 286 -7.71 22.36 -16.06
C ALA C 286 -6.52 23.05 -15.40
N GLU C 287 -5.31 22.60 -15.68
CA GLU C 287 -4.13 23.12 -15.01
C GLU C 287 -3.55 24.36 -15.67
N ASN C 288 -3.98 24.68 -16.90
CA ASN C 288 -3.37 25.72 -17.71
C ASN C 288 -4.48 26.60 -18.27
N PRO C 289 -5.20 27.33 -17.40
CA PRO C 289 -6.36 28.08 -17.88
C PRO C 289 -6.02 29.18 -18.87
N GLN C 290 -4.83 29.79 -18.82
CA GLN C 290 -4.52 30.81 -19.82
C GLN C 290 -4.37 30.20 -21.21
N TRP C 291 -3.77 29.00 -21.34
CA TRP C 291 -3.74 28.34 -22.64
C TRP C 291 -5.14 27.95 -23.11
N ARG C 292 -6.00 27.51 -22.19
CA ARG C 292 -7.38 27.21 -22.55
C ARG C 292 -8.06 28.45 -23.12
N THR C 293 -7.84 29.60 -22.50
CA THR C 293 -8.45 30.83 -23.02
C THR C 293 -7.92 31.15 -24.41
N ARG C 294 -6.60 30.99 -24.63
CA ARG C 294 -6.04 31.26 -25.95
C ARG C 294 -6.62 30.33 -27.02
N ILE C 295 -6.81 29.05 -26.69
CA ILE C 295 -7.44 28.12 -27.62
C ILE C 295 -8.86 28.56 -27.94
N ASN C 296 -9.64 28.92 -26.90
CA ASN C 296 -11.03 29.31 -27.14
C ASN C 296 -11.14 30.58 -27.99
N GLU C 297 -10.15 31.49 -27.88
CA GLU C 297 -10.27 32.74 -28.62
C GLU C 297 -9.59 32.70 -29.98
N SER C 298 -8.99 31.58 -30.36
CA SER C 298 -8.20 31.52 -31.58
C SER C 298 -9.06 31.11 -32.76
N GLU C 299 -8.70 31.65 -33.92
CA GLU C 299 -9.32 31.26 -35.19
C GLU C 299 -8.42 30.34 -36.02
N THR C 300 -7.20 30.05 -35.57
CA THR C 300 -6.21 29.39 -36.42
C THR C 300 -5.99 27.92 -36.11
N GLY C 301 -6.43 27.43 -34.94
CA GLY C 301 -6.09 26.10 -34.49
C GLY C 301 -4.65 25.90 -34.11
N ARG C 302 -3.81 26.94 -34.16
CA ARG C 302 -2.39 26.77 -33.90
C ARG C 302 -2.12 26.47 -32.44
N GLU C 303 -2.81 27.17 -31.53
CA GLU C 303 -2.62 26.94 -30.11
C GLU C 303 -3.07 25.53 -29.71
N ALA C 304 -4.18 25.06 -30.31
CA ALA C 304 -4.65 23.72 -29.96
C ALA C 304 -3.69 22.64 -30.48
N PHE C 305 -3.12 22.86 -31.66
CA PHE C 305 -2.08 21.98 -32.20
C PHE C 305 -0.88 21.92 -31.27
N ALA C 306 -0.40 23.10 -30.85
CA ALA C 306 0.80 23.14 -30.02
C ALA C 306 0.54 22.55 -28.65
N PHE C 307 -0.67 22.74 -28.14
CA PHE C 307 -1.08 22.18 -26.86
C PHE C 307 -1.13 20.66 -26.95
N ALA C 308 -1.75 20.15 -28.02
CA ALA C 308 -1.76 18.71 -28.25
C ALA C 308 -0.36 18.13 -28.34
N GLN C 309 0.57 18.82 -29.03
CA GLN C 309 1.92 18.27 -29.13
C GLN C 309 2.62 18.26 -27.76
N GLU C 310 2.44 19.32 -26.96
CA GLU C 310 3.07 19.34 -25.63
C GLU C 310 2.41 18.33 -24.69
N VAL C 311 1.16 17.93 -24.93
CA VAL C 311 0.62 16.83 -24.14
C VAL C 311 1.35 15.54 -24.50
N ARG C 312 1.68 15.35 -25.79
CA ARG C 312 2.37 14.14 -26.22
C ARG C 312 3.82 14.12 -25.70
N ARG C 313 4.45 15.30 -25.60
CA ARG C 313 5.79 15.34 -25.02
C ARG C 313 5.77 15.11 -23.50
N PHE C 314 4.84 15.74 -22.80
CA PHE C 314 4.96 15.86 -21.36
C PHE C 314 4.44 14.64 -20.61
N TYR C 315 3.29 14.07 -21.03
CA TYR C 315 2.62 13.06 -20.21
C TYR C 315 3.09 11.66 -20.57
N PRO C 316 3.10 10.74 -19.61
CA PRO C 316 3.67 9.41 -19.86
C PRO C 316 2.68 8.55 -20.64
N PHE C 317 3.15 7.99 -21.74
CA PHE C 317 2.36 7.00 -22.48
C PHE C 317 3.24 5.79 -22.77
N VAL C 318 4.16 5.92 -23.73
CA VAL C 318 5.12 4.85 -23.96
C VAL C 318 6.21 4.99 -22.91
N PRO C 319 6.39 4.03 -22.00
CA PRO C 319 7.50 4.17 -21.03
C PRO C 319 8.87 4.04 -21.70
N MET C 320 9.01 3.05 -22.58
CA MET C 320 10.26 2.60 -23.16
C MET C 320 9.86 1.60 -24.24
N PHE C 321 10.81 1.25 -25.11
CA PHE C 321 10.50 0.31 -26.21
C PHE C 321 11.73 -0.55 -26.47
N PRO C 322 11.56 -1.84 -26.83
CA PRO C 322 12.73 -2.73 -26.88
C PRO C 322 13.12 -3.16 -28.28
N ALA C 323 14.42 -3.45 -28.45
CA ALA C 323 14.92 -4.11 -29.65
C ALA C 323 15.95 -5.16 -29.20
N LYS C 324 16.41 -5.99 -30.11
CA LYS C 324 17.44 -6.98 -29.79
C LYS C 324 18.64 -6.79 -30.71
N ALA C 325 19.83 -6.90 -30.14
CA ALA C 325 21.06 -6.78 -30.93
C ALA C 325 21.22 -7.98 -31.86
N THR C 326 21.52 -7.71 -33.13
CA THR C 326 21.71 -8.76 -34.12
C THR C 326 23.14 -9.27 -34.16
N LYS C 327 24.07 -8.53 -33.57
CA LYS C 327 25.47 -8.92 -33.53
C LYS C 327 26.11 -8.24 -32.34
N ASP C 328 27.32 -8.68 -32.00
CA ASP C 328 28.06 -8.00 -30.96
C ASP C 328 28.46 -6.62 -31.48
N THR C 329 28.25 -5.60 -30.66
CA THR C 329 28.67 -4.25 -31.01
C THR C 329 28.96 -3.50 -29.71
N GLU C 330 29.01 -2.17 -29.79
CA GLU C 330 29.35 -1.36 -28.63
C GLU C 330 28.60 -0.04 -28.74
N PHE C 331 28.21 0.53 -27.60
CA PHE C 331 27.56 1.84 -27.60
C PHE C 331 28.15 2.67 -26.48
N GLU C 332 28.83 3.77 -26.84
CA GLU C 332 29.45 4.66 -25.85
C GLU C 332 30.32 3.89 -24.86
N GLY C 333 31.16 3.00 -25.40
CA GLY C 333 32.04 2.17 -24.60
C GLY C 333 31.40 0.93 -24.00
N CYS C 334 30.07 0.83 -24.01
CA CYS C 334 29.38 -0.26 -23.33
C CYS C 334 29.25 -1.44 -24.29
N PRO C 335 29.73 -2.64 -23.95
CA PRO C 335 29.56 -3.77 -24.86
C PRO C 335 28.08 -4.10 -25.03
N ILE C 336 27.72 -4.43 -26.26
CA ILE C 336 26.36 -4.89 -26.58
C ILE C 336 26.53 -6.29 -27.14
N HIS C 337 25.92 -7.28 -26.48
CA HIS C 337 26.07 -8.67 -26.91
C HIS C 337 24.90 -9.10 -27.80
N GLN C 338 25.21 -9.80 -28.89
CA GLN C 338 24.19 -10.38 -29.75
C GLN C 338 23.09 -11.05 -28.93
N GLY C 339 21.84 -10.74 -29.24
CA GLY C 339 20.72 -11.30 -28.54
C GLY C 339 20.23 -10.50 -27.33
N GLN C 340 21.06 -9.66 -26.74
CA GLN C 340 20.58 -8.89 -25.61
C GLN C 340 19.60 -7.83 -26.10
N ARG C 341 18.81 -7.29 -25.17
CA ARG C 341 17.91 -6.19 -25.49
C ARG C 341 18.60 -4.84 -25.40
N VAL C 342 18.15 -3.93 -26.25
CA VAL C 342 18.48 -2.50 -26.15
C VAL C 342 17.14 -1.80 -26.02
N ILE C 343 16.98 -1.02 -24.97
CA ILE C 343 15.69 -0.41 -24.64
C ILE C 343 15.84 1.11 -24.71
N LEU C 344 15.06 1.74 -25.57
CA LEU C 344 15.04 3.20 -25.65
C LEU C 344 14.05 3.72 -24.63
N ASP C 345 14.56 4.54 -23.70
CA ASP C 345 13.78 5.17 -22.64
C ASP C 345 13.08 6.38 -23.24
N PHE C 346 11.75 6.25 -23.46
CA PHE C 346 10.98 7.34 -24.05
C PHE C 346 10.81 8.50 -23.08
N VAL C 347 10.36 8.21 -21.85
CA VAL C 347 10.15 9.29 -20.87
C VAL C 347 11.45 10.07 -20.65
N GLY C 348 12.56 9.35 -20.49
CA GLY C 348 13.84 9.99 -20.29
C GLY C 348 14.36 10.75 -21.49
N THR C 349 13.87 10.46 -22.68
CA THR C 349 14.23 11.26 -23.86
C THR C 349 13.33 12.50 -23.99
N LEU C 350 12.03 12.30 -23.79
CA LEU C 350 11.06 13.41 -23.80
C LEU C 350 11.28 14.40 -22.65
N HIS C 351 11.96 13.99 -21.57
CA HIS C 351 12.18 14.85 -20.42
C HIS C 351 13.65 15.12 -20.15
N SER C 352 14.54 14.84 -21.10
CA SER C 352 15.97 15.04 -20.87
C SER C 352 16.31 16.53 -20.82
N ALA C 353 17.03 16.95 -19.76
CA ALA C 353 17.46 18.34 -19.71
C ALA C 353 18.53 18.63 -20.75
N GLU C 354 19.24 17.60 -21.22
CA GLU C 354 20.20 17.79 -22.31
C GLU C 354 19.51 18.07 -23.64
N GLU C 355 18.29 17.54 -23.85
CA GLU C 355 17.59 17.66 -25.14
C GLU C 355 16.52 18.75 -25.17
N TRP C 356 16.10 19.28 -24.03
CA TRP C 356 14.98 20.22 -23.95
C TRP C 356 15.35 21.31 -22.94
N ASP C 357 14.91 22.53 -23.19
CA ASP C 357 14.92 23.57 -22.16
C ASP C 357 13.75 23.37 -21.21
N ASN C 358 14.02 23.39 -19.90
CA ASN C 358 13.03 23.22 -18.84
C ASN C 358 12.06 22.05 -19.12
N PRO C 359 12.57 20.82 -19.22
CA PRO C 359 11.69 19.71 -19.62
C PRO C 359 10.56 19.45 -18.64
N ALA C 360 10.70 19.84 -17.38
CA ALA C 360 9.66 19.58 -16.39
C ALA C 360 8.49 20.55 -16.51
N SER C 361 8.64 21.59 -17.34
CA SER C 361 7.60 22.61 -17.55
C SER C 361 6.68 22.23 -18.71
N PHE C 362 5.39 22.11 -18.42
CA PHE C 362 4.39 21.97 -19.49
C PHE C 362 4.22 23.32 -20.17
N ASP C 363 4.64 23.43 -21.42
CA ASP C 363 4.73 24.73 -22.07
C ASP C 363 4.52 24.57 -23.57
N PRO C 364 3.28 24.75 -24.04
CA PRO C 364 3.00 24.62 -25.48
C PRO C 364 3.74 25.62 -26.36
N GLU C 365 4.26 26.69 -25.79
CA GLU C 365 5.05 27.63 -26.57
C GLU C 365 6.20 26.95 -27.28
N ARG C 366 6.73 25.85 -26.74
CA ARG C 366 7.84 25.19 -27.45
C ARG C 366 7.41 24.58 -28.77
N PHE C 367 6.10 24.46 -29.05
CA PHE C 367 5.66 23.96 -30.34
C PHE C 367 4.97 25.01 -31.21
N MET C 368 4.89 26.27 -30.77
CA MET C 368 4.08 27.23 -31.52
C MET C 368 4.72 27.59 -32.85
N ALA C 369 6.02 27.39 -33.01
CA ALA C 369 6.70 27.65 -34.27
C ALA C 369 6.41 26.58 -35.32
N TYR C 370 5.83 25.45 -34.92
CA TYR C 370 5.58 24.32 -35.80
C TYR C 370 4.11 24.32 -36.21
N GLU C 371 3.85 24.12 -37.48
CA GLU C 371 2.48 24.14 -38.01
C GLU C 371 1.88 22.75 -38.20
N THR C 372 2.69 21.75 -38.52
CA THR C 372 2.19 20.43 -38.90
C THR C 372 2.98 19.34 -38.19
N GLN C 373 2.39 18.14 -38.18
CA GLN C 373 3.11 16.99 -37.64
C GLN C 373 4.36 16.72 -38.46
N SER C 374 4.29 16.92 -39.77
CA SER C 374 5.47 16.72 -40.60
C SER C 374 6.62 17.61 -40.15
N GLU C 375 6.33 18.87 -39.80
CA GLU C 375 7.42 19.73 -39.31
C GLU C 375 7.94 19.29 -37.94
N ALA C 376 7.05 18.82 -37.05
CA ALA C 376 7.51 18.37 -35.74
C ALA C 376 8.44 17.16 -35.81
N GLU C 377 8.38 16.36 -36.88
CA GLU C 377 9.31 15.25 -37.07
C GLU C 377 10.75 15.67 -37.11
N THR C 378 11.04 16.94 -37.45
CA THR C 378 12.40 17.41 -37.46
C THR C 378 12.97 17.55 -36.05
N ILE C 379 12.13 17.44 -35.02
CA ILE C 379 12.62 17.57 -33.65
C ILE C 379 13.09 16.20 -33.19
N LYS C 380 14.41 16.00 -33.15
CA LYS C 380 14.92 14.64 -33.00
C LYS C 380 14.53 13.99 -31.68
N PRO C 381 14.58 14.65 -30.52
CA PRO C 381 14.15 13.97 -29.29
C PRO C 381 12.64 13.94 -29.09
N PHE C 382 11.85 14.45 -30.03
CA PHE C 382 10.39 14.42 -29.86
C PHE C 382 9.91 13.07 -30.37
N ILE C 383 9.95 12.05 -29.49
CA ILE C 383 9.66 10.68 -29.90
C ILE C 383 8.52 10.02 -29.11
N PRO C 384 7.39 10.70 -28.85
CA PRO C 384 6.34 10.02 -28.10
C PRO C 384 5.83 8.75 -28.78
N GLN C 385 5.99 8.68 -30.11
CA GLN C 385 5.54 7.51 -30.89
C GLN C 385 6.71 6.97 -31.74
N GLY C 386 7.94 7.11 -31.26
CA GLY C 386 9.08 6.55 -31.94
C GLY C 386 9.90 7.60 -32.67
N GLY C 387 11.14 7.22 -33.03
CA GLY C 387 12.04 8.11 -33.76
C GLY C 387 12.50 7.63 -35.14
N ALA C 388 13.43 8.37 -35.74
CA ALA C 388 14.00 8.11 -37.08
C ALA C 388 12.85 8.09 -38.09
N ASP C 389 12.88 7.26 -39.11
CA ASP C 389 12.04 7.44 -40.29
C ASP C 389 10.81 6.53 -40.29
N VAL C 390 9.67 7.10 -40.68
CA VAL C 390 8.41 6.36 -40.62
C VAL C 390 8.39 5.24 -41.66
N ARG C 391 8.79 5.55 -42.89
CA ARG C 391 8.66 4.55 -43.96
C ARG C 391 9.79 3.52 -43.96
N THR C 392 11.01 3.89 -43.56
CA THR C 392 12.15 2.98 -43.63
C THR C 392 12.48 2.33 -42.29
N GLY C 393 11.84 2.74 -41.20
CA GLY C 393 12.09 2.11 -39.91
C GLY C 393 10.82 1.70 -39.21
N HIS C 394 10.87 1.50 -37.89
CA HIS C 394 9.67 0.99 -37.19
C HIS C 394 8.82 2.13 -36.58
N ARG C 395 9.21 3.38 -36.78
CA ARG C 395 8.48 4.49 -36.16
C ARG C 395 6.99 4.46 -36.48
N CYS C 396 6.18 4.89 -35.51
CA CYS C 396 4.72 4.92 -35.68
C CYS C 396 4.31 5.68 -36.95
N PRO C 397 3.48 5.07 -37.82
CA PRO C 397 2.96 5.77 -38.98
C PRO C 397 1.65 6.53 -38.70
N GLY C 398 1.20 6.52 -37.45
CA GLY C 398 -0.07 7.13 -37.14
C GLY C 398 0.01 8.44 -36.38
N GLU C 399 1.15 9.13 -36.37
CA GLU C 399 1.23 10.38 -35.60
C GLU C 399 0.35 11.47 -36.19
N LYS C 400 0.20 11.52 -37.51
CA LYS C 400 -0.70 12.52 -38.09
C LYS C 400 -2.13 12.25 -37.66
N ILE C 401 -2.57 10.99 -37.72
CA ILE C 401 -3.90 10.62 -37.23
C ILE C 401 -4.03 10.95 -35.74
N ALA C 402 -3.03 10.58 -34.94
CA ALA C 402 -3.13 10.80 -33.50
C ALA C 402 -3.21 12.28 -33.15
N VAL C 403 -2.39 13.13 -33.81
CA VAL C 403 -2.41 14.55 -33.53
C VAL C 403 -3.72 15.18 -34.02
N THR C 404 -4.24 14.69 -35.15
CA THR C 404 -5.56 15.12 -35.61
C THR C 404 -6.64 14.81 -34.59
N ALA C 405 -6.67 13.58 -34.07
CA ALA C 405 -7.67 13.25 -33.05
C ALA C 405 -7.47 14.08 -31.80
N LEU C 406 -6.22 14.19 -31.33
CA LEU C 406 -5.97 14.86 -30.07
C LEU C 406 -6.27 16.36 -30.16
N SER C 407 -5.95 16.99 -31.31
CA SER C 407 -6.28 18.40 -31.51
C SER C 407 -7.79 18.61 -31.48
N ALA C 408 -8.53 17.75 -32.16
CA ALA C 408 -9.99 17.85 -32.14
C ALA C 408 -10.51 17.74 -30.70
N ALA C 409 -9.91 16.86 -29.89
CA ALA C 409 -10.36 16.74 -28.50
C ALA C 409 -10.00 17.99 -27.69
N VAL C 410 -8.80 18.54 -27.87
CA VAL C 410 -8.38 19.75 -27.16
C VAL C 410 -9.35 20.90 -27.46
N GLU C 411 -9.73 21.06 -28.72
CA GLU C 411 -10.59 22.18 -29.08
C GLU C 411 -11.95 22.07 -28.44
N ALA C 412 -12.48 20.85 -28.38
CA ALA C 412 -13.81 20.64 -27.81
C ALA C 412 -13.77 20.68 -26.28
N LEU C 413 -12.72 20.13 -25.67
CA LEU C 413 -12.61 20.15 -24.21
C LEU C 413 -12.36 21.56 -23.68
N ALA C 414 -11.70 22.40 -24.48
CA ALA C 414 -11.37 23.75 -24.04
C ALA C 414 -12.61 24.63 -23.87
N ARG C 415 -13.70 24.34 -24.56
CA ARG C 415 -14.82 25.27 -24.59
C ARG C 415 -15.33 25.56 -23.18
N PRO C 416 -15.72 26.81 -22.88
CA PRO C 416 -16.00 27.19 -21.49
C PRO C 416 -17.15 26.42 -20.84
N GLU C 417 -18.10 25.88 -21.62
CA GLU C 417 -19.19 25.15 -20.99
C GLU C 417 -18.78 23.76 -20.50
N VAL C 418 -17.60 23.29 -20.87
CA VAL C 418 -17.07 22.02 -20.38
C VAL C 418 -16.50 22.23 -18.99
N ARG C 419 -17.04 21.52 -18.00
CA ARG C 419 -16.59 21.68 -16.63
C ARG C 419 -15.81 20.42 -16.26
N ILE C 420 -14.50 20.58 -16.08
CA ILE C 420 -13.57 19.47 -15.85
C ILE C 420 -13.39 19.32 -14.34
N SER C 421 -13.69 18.14 -13.83
CA SER C 421 -13.55 17.94 -12.38
C SER C 421 -12.12 18.19 -11.91
N ALA C 422 -11.98 18.83 -10.74
CA ALA C 422 -10.67 19.10 -10.15
C ALA C 422 -10.36 18.22 -8.94
N GLU C 423 -11.15 17.18 -8.68
CA GLU C 423 -10.88 16.36 -7.50
C GLU C 423 -9.62 15.52 -7.75
N ALA C 424 -9.01 15.05 -6.65
CA ALA C 424 -7.70 14.42 -6.76
C ALA C 424 -7.72 13.17 -7.64
N ILE C 425 -8.82 12.40 -7.63
CA ILE C 425 -8.86 11.21 -8.49
C ILE C 425 -9.05 11.55 -9.96
N ASP C 426 -9.46 12.77 -10.29
CA ASP C 426 -9.60 13.17 -11.68
C ASP C 426 -8.33 13.79 -12.24
N ILE C 427 -7.47 14.34 -11.40
CA ILE C 427 -6.35 15.13 -11.86
C ILE C 427 -5.04 14.34 -11.73
N ASN C 428 -4.93 13.51 -10.71
CA ASN C 428 -3.65 12.85 -10.48
C ASN C 428 -3.58 11.48 -11.16
N TYR C 429 -2.36 11.03 -11.40
CA TYR C 429 -2.14 9.75 -12.05
C TYR C 429 -0.87 9.14 -11.48
N SER C 430 -0.85 7.82 -11.43
CA SER C 430 0.29 7.10 -10.92
C SER C 430 1.33 6.91 -12.04
N MET C 431 2.60 6.98 -11.68
CA MET C 431 3.66 6.67 -12.62
C MET C 431 4.09 5.21 -12.56
N THR C 432 3.52 4.39 -11.69
CA THR C 432 4.07 3.05 -11.51
C THR C 432 3.22 1.97 -12.16
N GLU C 433 2.21 2.35 -12.92
N GLU C 433 2.24 2.35 -12.99
CA GLU C 433 1.36 1.42 -13.66
CA GLU C 433 1.32 1.41 -13.64
C GLU C 433 1.44 1.81 -15.12
C GLU C 433 1.17 1.80 -15.11
N ILE C 434 1.31 0.82 -16.00
CA ILE C 434 1.31 1.03 -17.44
C ILE C 434 -0.01 0.48 -17.98
N LEU C 435 -0.71 1.24 -18.84
CA LEU C 435 -0.55 2.66 -19.22
C LEU C 435 -1.04 3.53 -18.09
N ALA C 436 -0.61 4.78 -18.07
CA ALA C 436 -1.02 5.72 -17.04
C ALA C 436 -2.25 6.50 -17.49
N ARG C 437 -3.12 6.80 -16.53
CA ARG C 437 -4.20 7.75 -16.74
C ARG C 437 -4.80 8.11 -15.39
N PRO C 438 -5.42 9.29 -15.24
CA PRO C 438 -6.18 9.57 -14.01
C PRO C 438 -7.12 8.41 -13.71
N LYS C 439 -7.13 8.01 -12.42
CA LYS C 439 -7.86 6.81 -12.01
C LYS C 439 -9.31 6.85 -12.44
N SER C 440 -9.93 8.04 -12.42
CA SER C 440 -11.34 8.13 -12.73
C SER C 440 -11.62 8.20 -14.23
N GLY C 441 -10.60 8.35 -15.06
CA GLY C 441 -10.84 8.70 -16.44
C GLY C 441 -11.06 10.17 -16.72
N VAL C 442 -11.09 11.03 -15.68
CA VAL C 442 -11.37 12.47 -15.72
C VAL C 442 -12.87 12.68 -15.92
N ARG C 443 -13.59 12.94 -14.83
CA ARG C 443 -15.01 13.19 -14.94
C ARG C 443 -15.25 14.63 -15.41
N VAL C 444 -16.26 14.80 -16.26
N VAL C 444 -16.35 14.81 -16.14
CA VAL C 444 -16.60 16.08 -16.86
CA VAL C 444 -16.58 16.03 -16.90
C VAL C 444 -18.11 16.17 -16.96
C VAL C 444 -18.08 16.16 -17.12
N THR C 445 -18.59 17.40 -17.10
CA THR C 445 -19.98 17.64 -17.49
C THR C 445 -20.02 18.90 -18.36
N VAL C 446 -21.05 19.03 -19.18
CA VAL C 446 -21.24 20.24 -19.98
C VAL C 446 -22.43 21.00 -19.43
N ALA C 447 -22.19 22.25 -19.04
CA ALA C 447 -23.23 23.10 -18.49
C ALA C 447 -24.39 23.21 -19.47
N SER C 448 -25.62 23.05 -18.96
CA SER C 448 -26.83 23.16 -19.76
C SER C 448 -27.82 24.09 -19.08
N SER C 449 -28.58 24.84 -19.88
CA SER C 449 -29.59 25.74 -19.31
C SER C 449 -30.79 24.95 -18.82
#